data_3MYK
#
_entry.id   3MYK
#
_cell.length_a   88.005
_cell.length_b   147.021
_cell.length_c   153.425
_cell.angle_alpha   90.00
_cell.angle_beta   90.00
_cell.angle_gamma   90.00
#
_symmetry.space_group_name_H-M   'C 2 2 21'
#
loop_
_entity.id
_entity.type
_entity.pdbx_description
1 polymer 'Myosin-2 heavy chain'
2 non-polymer (-)-1-PHENYL-1,2,3,4-TETRAHYDRO-4-HYDROXYPYRROLO[2,3-B]-7-METHYLQUINOLIN-4-ONE
3 non-polymer 'MAGNESIUM ION'
4 non-polymer 'PHOSPHOAMINOPHOSPHONIC ACID-ADENYLATE ESTER'
5 water water
#
_entity_poly.entity_id   1
_entity_poly.type   'polypeptide(L)'
_entity_poly.pdbx_seq_one_letter_code
;GNPIHDRTSDYHKYLKVKQGDSDLFKLTVSDKRYIWYNPDPKERDSYECGEIVSETSDSFTFKTVDGQDRQVKKDDANQR
NPIKFDGVEDMSELSYLNEPAVFHNLRVRYNQDLIYTYSGLFLVAVNPFKRIPIYTQEMVDIFKGRRRNEVAPHIFAISD
VAYRSMLDDRQNQSLLITGESGAGKTENTKKVIQYLASVAGRNQANGSGVLEQQILQANPILEAFGNAKTTRNNNASRFG
KFIEIQFNSAGFISGASIQSYLLEKSRVVFQSETERNYHIFYQLLAGATAEEKKALHLAGPESFNYLNQSGCVDIKGVSD
SEEFKITRQAMDIVGFSQEEQMSIFKIIAGILHLGNIKFEKGAGEGAVLKDKTALNAASTVFGVNPSVLEKALMEPRILA
GRDLVAQHLNVEKSSSSRDALVKALYGRLFLWLVKKINNVLCQERKAYFIGVLDISGFEIFKVNSFEQLCINYTNEKLQQ
FFNHHMFKLEQEEYLKEKINWTFIDFGLDSQATIDLIDGRQPPGILALLDEQSVFPNATDNTLITKLHSHFSKKNAKYEE
PRFSKTEFGVTHYAGQVMYEIQDWLEKNKDPLQQDLELCFKDSSDNVVTKLFNDPNIASRAKKGANFITVAAQYKEQLAS
LMATLETTNPHFVRCIIPNNKQLPAKLEDKVVLDQLRCNGVLEGIRITRKGFPNRIIYADFVKRYYLLAPNVPRDAEDSQ
KATDAVLKHLNIDPEQYRFGITKIFFRAGQLARIEEARELPN
;
_entity_poly.pdbx_strand_id   X
#
# COMPACT_ATOMS: atom_id res chain seq x y z
N ASN A 2 -16.29 -34.95 -3.26
CA ASN A 2 -15.89 -33.72 -2.48
C ASN A 2 -14.40 -33.43 -2.79
N PRO A 3 -14.10 -32.32 -3.50
CA PRO A 3 -12.67 -32.14 -3.85
C PRO A 3 -11.73 -32.12 -2.66
N ILE A 4 -12.21 -31.67 -1.47
CA ILE A 4 -11.38 -31.53 -0.28
C ILE A 4 -10.75 -32.88 0.08
N HIS A 5 -11.44 -33.96 -0.26
CA HIS A 5 -10.97 -35.30 0.08
C HIS A 5 -10.55 -36.08 -1.12
N ASP A 6 -10.63 -35.48 -2.30
CA ASP A 6 -10.23 -36.20 -3.48
C ASP A 6 -8.82 -35.78 -3.84
N ARG A 7 -7.85 -36.69 -3.72
CA ARG A 7 -6.44 -36.33 -3.95
C ARG A 7 -6.13 -36.07 -5.42
N THR A 8 -7.09 -36.35 -6.29
CA THR A 8 -6.91 -36.01 -7.73
C THR A 8 -7.37 -34.58 -8.04
N SER A 9 -8.07 -33.99 -7.09
CA SER A 9 -8.71 -32.71 -7.43
C SER A 9 -7.65 -31.56 -7.60
N ASP A 10 -8.04 -30.52 -8.33
CA ASP A 10 -7.21 -29.31 -8.41
C ASP A 10 -6.99 -28.68 -7.01
N TYR A 11 -7.97 -28.75 -6.13
CA TYR A 11 -7.76 -28.26 -4.77
C TYR A 11 -6.57 -28.95 -4.13
N HIS A 12 -6.52 -30.26 -4.31
CA HIS A 12 -5.44 -31.05 -3.67
C HIS A 12 -4.10 -30.72 -4.30
N LYS A 13 -4.15 -30.63 -5.62
CA LYS A 13 -2.96 -30.41 -6.40
C LYS A 13 -2.32 -29.02 -6.11
N TYR A 14 -3.13 -27.98 -5.94
CA TYR A 14 -2.56 -26.62 -5.85
C TYR A 14 -2.62 -25.99 -4.46
N LEU A 15 -3.37 -26.58 -3.55
CA LEU A 15 -3.49 -26.01 -2.18
C LEU A 15 -3.00 -26.89 -1.04
N LYS A 16 -2.64 -28.16 -1.34
CA LYS A 16 -2.23 -29.11 -0.30
C LYS A 16 -0.80 -29.61 -0.47
N VAL A 17 -0.13 -29.97 0.62
CA VAL A 17 1.26 -30.48 0.60
C VAL A 17 1.29 -31.83 -0.11
N LYS A 18 2.14 -31.98 -1.11
CA LYS A 18 2.26 -33.23 -1.85
C LYS A 18 2.65 -34.37 -0.90
N GLN A 19 2.11 -35.53 -1.22
CA GLN A 19 2.44 -36.78 -0.49
C GLN A 19 3.93 -37.11 -0.54
N GLY A 20 4.57 -37.35 0.59
CA GLY A 20 6.01 -37.64 0.55
C GLY A 20 6.25 -39.16 0.35
N ASP A 21 7.47 -39.54 0.05
CA ASP A 21 7.69 -40.93 -0.42
C ASP A 21 8.36 -41.76 0.65
N SER A 22 8.71 -43.04 0.36
CA SER A 22 9.18 -43.92 1.44
C SER A 22 10.52 -43.44 1.99
N ASP A 23 11.29 -42.80 1.13
CA ASP A 23 12.57 -42.20 1.54
C ASP A 23 12.37 -41.04 2.53
N LEU A 24 11.41 -40.17 2.20
CA LEU A 24 10.99 -39.15 3.18
C LEU A 24 10.40 -39.78 4.46
N PHE A 25 9.57 -40.85 4.35
CA PHE A 25 9.06 -41.57 5.58
C PHE A 25 10.19 -42.02 6.47
N LYS A 26 11.20 -42.68 5.87
CA LYS A 26 12.42 -43.06 6.60
C LYS A 26 12.99 -41.88 7.33
N LEU A 27 13.06 -40.74 6.67
CA LEU A 27 13.72 -39.58 7.34
C LEU A 27 12.83 -39.06 8.45
N THR A 28 11.52 -39.20 8.25
CA THR A 28 10.50 -38.64 9.14
C THR A 28 10.41 -39.42 10.46
N VAL A 29 10.75 -40.73 10.45
CA VAL A 29 10.73 -41.50 11.71
C VAL A 29 12.13 -41.61 12.32
N SER A 30 13.12 -40.95 11.71
CA SER A 30 14.44 -40.88 12.30
C SER A 30 14.41 -40.41 13.76
N ASP A 31 15.31 -40.96 14.57
CA ASP A 31 15.50 -40.49 15.92
C ASP A 31 16.56 -39.39 16.09
N LYS A 32 17.19 -39.00 14.98
CA LYS A 32 18.14 -37.90 15.01
C LYS A 32 17.45 -36.54 15.25
N ARG A 33 18.19 -35.58 15.77
CA ARG A 33 17.65 -34.27 16.11
C ARG A 33 18.59 -33.26 15.55
N TYR A 34 18.05 -32.07 15.25
CA TYR A 34 18.79 -31.13 14.38
C TYR A 34 18.62 -29.74 14.90
N ILE A 35 19.48 -28.84 14.42
CA ILE A 35 19.55 -27.46 14.86
C ILE A 35 19.81 -26.59 13.64
N TRP A 36 19.26 -25.38 13.68
CA TRP A 36 19.51 -24.38 12.62
C TRP A 36 20.64 -23.51 13.14
N TYR A 37 21.72 -23.39 12.41
CA TYR A 37 22.88 -22.59 12.94
C TYR A 37 23.35 -21.71 11.75
N ASN A 38 24.12 -20.66 12.08
CA ASN A 38 24.78 -19.75 11.10
C ASN A 38 26.22 -20.20 10.82
N PRO A 39 26.53 -20.64 9.57
CA PRO A 39 27.89 -20.98 9.20
C PRO A 39 28.83 -19.80 9.47
N ASP A 40 28.33 -18.57 9.27
CA ASP A 40 29.11 -17.33 9.51
C ASP A 40 28.32 -16.48 10.47
N PRO A 41 28.86 -16.26 11.69
CA PRO A 41 28.10 -15.51 12.71
C PRO A 41 27.96 -14.02 12.38
N LYS A 42 28.49 -13.57 11.26
CA LYS A 42 28.33 -12.15 10.94
C LYS A 42 26.96 -12.02 10.27
N GLU A 43 26.40 -13.14 9.82
CA GLU A 43 25.13 -13.11 9.12
C GLU A 43 24.10 -14.03 9.69
N ARG A 44 23.38 -13.45 10.60
CA ARG A 44 22.47 -14.16 11.44
C ARG A 44 21.30 -14.77 10.68
N ASP A 45 21.11 -14.35 9.42
CA ASP A 45 19.94 -14.81 8.66
C ASP A 45 20.21 -15.93 7.66
N SER A 46 21.46 -16.32 7.57
CA SER A 46 21.87 -17.39 6.67
C SER A 46 22.11 -18.64 7.54
N TYR A 47 21.20 -19.62 7.45
CA TYR A 47 21.23 -20.77 8.36
C TYR A 47 21.46 -22.01 7.58
N GLU A 48 22.10 -23.01 8.20
CA GLU A 48 22.17 -24.34 7.64
C GLU A 48 21.65 -25.29 8.72
N CYS A 49 21.42 -26.54 8.37
CA CYS A 49 20.91 -27.51 9.33
C CYS A 49 22.10 -28.36 9.83
N GLY A 50 22.25 -28.48 11.15
CA GLY A 50 23.32 -29.33 11.76
C GLY A 50 22.69 -30.47 12.58
N GLU A 51 23.26 -31.67 12.50
CA GLU A 51 22.81 -32.78 13.39
C GLU A 51 23.32 -32.60 14.81
N ILE A 52 22.44 -32.70 15.80
CA ILE A 52 22.87 -32.63 17.18
C ILE A 52 23.50 -33.99 17.48
N VAL A 53 24.77 -34.00 17.90
CA VAL A 53 25.46 -35.27 18.11
C VAL A 53 25.68 -35.58 19.59
N SER A 54 25.64 -34.58 20.45
CA SER A 54 25.70 -34.83 21.88
C SER A 54 25.10 -33.68 22.64
N GLU A 55 24.91 -33.83 23.94
CA GLU A 55 24.45 -32.71 24.75
C GLU A 55 24.99 -32.81 26.18
N THR A 56 25.01 -31.68 26.90
CA THR A 56 25.32 -31.63 28.34
C THR A 56 24.07 -31.03 28.91
N SER A 57 24.04 -30.74 30.20
CA SER A 57 22.84 -30.18 30.83
C SER A 57 22.54 -28.82 30.24
N ASP A 58 23.54 -28.12 29.72
CA ASP A 58 23.24 -26.77 29.21
C ASP A 58 23.67 -26.46 27.80
N SER A 59 24.17 -27.45 27.05
CA SER A 59 24.64 -27.22 25.68
C SER A 59 24.33 -28.35 24.72
N PHE A 60 24.36 -28.05 23.43
CA PHE A 60 24.31 -29.05 22.38
C PHE A 60 25.61 -28.98 21.64
N THR A 61 26.10 -30.10 21.17
CA THR A 61 27.14 -30.14 20.17
C THR A 61 26.53 -30.69 18.92
N PHE A 62 26.83 -30.05 17.78
CA PHE A 62 26.29 -30.44 16.50
C PHE A 62 27.35 -30.42 15.38
N LYS A 63 27.10 -31.15 14.29
CA LYS A 63 27.99 -31.23 13.13
C LYS A 63 27.61 -30.06 12.22
N THR A 64 28.60 -29.45 11.58
CA THR A 64 28.33 -28.41 10.58
C THR A 64 28.31 -29.10 9.22
N VAL A 65 27.76 -28.39 8.22
CA VAL A 65 27.58 -28.93 6.88
C VAL A 65 28.88 -29.46 6.34
N ASP A 66 29.96 -28.77 6.69
CA ASP A 66 31.28 -29.15 6.26
C ASP A 66 31.91 -30.17 7.24
N GLY A 67 31.14 -30.60 8.26
CA GLY A 67 31.68 -31.46 9.32
C GLY A 67 31.99 -30.80 10.68
N GLN A 68 33.00 -29.92 10.71
CA GLN A 68 33.55 -29.40 11.99
C GLN A 68 32.53 -29.22 13.13
N ASP A 69 32.68 -29.94 14.24
CA ASP A 69 31.68 -29.85 15.32
C ASP A 69 31.74 -28.51 16.03
N ARG A 70 30.57 -28.01 16.43
CA ARG A 70 30.43 -26.79 17.19
C ARG A 70 29.51 -27.01 18.36
N GLN A 71 29.61 -26.17 19.38
CA GLN A 71 28.79 -26.29 20.57
C GLN A 71 28.00 -24.99 20.65
N VAL A 72 26.85 -25.04 21.33
CA VAL A 72 25.96 -23.89 21.53
C VAL A 72 25.15 -24.09 22.81
N LYS A 73 24.92 -23.01 23.54
CA LYS A 73 24.15 -23.13 24.74
C LYS A 73 22.70 -23.48 24.36
N LYS A 74 22.06 -24.33 25.13
CA LYS A 74 20.68 -24.69 24.84
C LYS A 74 19.82 -23.42 24.80
N ASP A 75 20.17 -22.44 25.61
CA ASP A 75 19.33 -21.24 25.72
C ASP A 75 19.47 -20.34 24.50
N ASP A 76 20.52 -20.55 23.72
CA ASP A 76 20.72 -19.83 22.50
C ASP A 76 20.35 -20.64 21.25
N ALA A 77 19.89 -21.89 21.40
CA ALA A 77 19.79 -22.83 20.29
C ALA A 77 18.52 -22.62 19.52
N ASN A 78 18.58 -22.65 18.19
CA ASN A 78 17.35 -22.66 17.39
C ASN A 78 17.08 -24.09 16.92
N GLN A 79 16.34 -24.92 17.69
CA GLN A 79 16.23 -26.33 17.28
C GLN A 79 15.38 -26.42 16.05
N ARG A 80 15.64 -27.42 15.21
CA ARG A 80 14.85 -27.66 14.04
C ARG A 80 13.63 -28.51 14.45
N ASN A 81 12.44 -28.13 13.99
CA ASN A 81 11.29 -29.01 14.17
C ASN A 81 11.39 -30.40 13.59
N PRO A 82 10.79 -31.38 14.29
CA PRO A 82 10.74 -32.68 13.62
C PRO A 82 10.16 -32.46 12.23
N ILE A 83 10.65 -33.20 11.25
CA ILE A 83 10.27 -32.89 9.90
C ILE A 83 8.84 -33.22 9.53
N LYS A 84 8.12 -33.93 10.40
CA LYS A 84 6.67 -34.10 10.13
C LYS A 84 5.95 -32.75 10.13
N PHE A 85 6.57 -31.74 10.72
CA PHE A 85 5.98 -30.35 10.73
C PHE A 85 6.24 -29.53 9.47
N ASP A 86 7.06 -30.03 8.58
CA ASP A 86 7.48 -29.22 7.45
C ASP A 86 6.32 -29.18 6.44
N GLY A 87 5.79 -27.98 6.21
CA GLY A 87 4.61 -27.82 5.39
C GLY A 87 3.35 -27.60 6.21
N VAL A 88 3.45 -27.58 7.53
CA VAL A 88 2.27 -27.41 8.38
C VAL A 88 1.43 -26.17 7.97
N GLU A 89 0.11 -26.29 7.94
CA GLU A 89 -0.80 -25.18 7.50
C GLU A 89 -0.94 -24.01 8.50
N ASP A 90 -0.78 -24.32 9.78
CA ASP A 90 -0.86 -23.36 10.84
C ASP A 90 0.40 -23.46 11.69
N MET A 91 1.25 -22.44 11.64
CA MET A 91 2.51 -22.52 12.38
C MET A 91 2.42 -22.45 13.89
N SER A 92 1.23 -22.14 14.44
CA SER A 92 1.11 -22.19 15.86
C SER A 92 1.23 -23.65 16.32
N GLU A 93 1.17 -24.60 15.38
CA GLU A 93 1.37 -26.00 15.72
C GLU A 93 2.83 -26.44 15.89
N LEU A 94 3.80 -25.61 15.50
CA LEU A 94 5.18 -26.04 15.60
C LEU A 94 5.65 -26.29 17.03
N SER A 95 6.51 -27.29 17.26
CA SER A 95 7.02 -27.42 18.63
C SER A 95 8.00 -26.35 18.97
N TYR A 96 8.89 -26.04 18.03
CA TYR A 96 9.90 -25.02 18.27
C TYR A 96 9.51 -23.78 17.46
N LEU A 97 9.35 -22.67 18.15
CA LEU A 97 8.93 -21.42 17.50
C LEU A 97 10.18 -20.52 17.54
N ASN A 98 10.94 -20.51 16.46
CA ASN A 98 12.11 -19.62 16.37
C ASN A 98 12.21 -19.12 14.93
N GLU A 99 13.11 -18.14 14.67
CA GLU A 99 13.11 -17.56 13.31
C GLU A 99 13.39 -18.53 12.19
N PRO A 100 14.52 -19.28 12.24
CA PRO A 100 14.78 -20.12 11.13
C PRO A 100 13.70 -21.23 10.97
N ALA A 101 13.07 -21.64 12.06
CA ALA A 101 12.04 -22.71 11.91
C ALA A 101 10.80 -22.15 11.21
N VAL A 102 10.40 -20.92 11.57
CA VAL A 102 9.20 -20.36 10.95
C VAL A 102 9.51 -20.11 9.50
N PHE A 103 10.67 -19.52 9.20
CA PHE A 103 11.04 -19.33 7.79
C PHE A 103 11.08 -20.64 7.02
N HIS A 104 11.66 -21.69 7.61
CA HIS A 104 11.76 -22.97 6.98
C HIS A 104 10.36 -23.46 6.60
N ASN A 105 9.39 -23.30 7.49
CA ASN A 105 8.07 -23.83 7.16
C ASN A 105 7.51 -23.05 5.97
N LEU A 106 7.68 -21.72 5.96
CA LEU A 106 7.20 -20.92 4.82
C LEU A 106 7.94 -21.34 3.58
N ARG A 107 9.22 -21.68 3.74
CA ARG A 107 10.03 -22.08 2.62
C ARG A 107 9.56 -23.39 1.98
N VAL A 108 9.29 -24.36 2.84
CA VAL A 108 8.81 -25.65 2.27
C VAL A 108 7.52 -25.46 1.52
N ARG A 109 6.60 -24.68 2.09
CA ARG A 109 5.28 -24.46 1.41
C ARG A 109 5.51 -23.68 0.09
N TYR A 110 6.30 -22.60 0.19
CA TYR A 110 6.57 -21.80 -1.00
C TYR A 110 7.24 -22.59 -2.14
N ASN A 111 8.21 -23.46 -1.81
CA ASN A 111 8.87 -24.34 -2.82
C ASN A 111 7.87 -25.20 -3.59
N GLN A 112 6.66 -25.43 -3.06
CA GLN A 112 5.61 -26.14 -3.82
C GLN A 112 4.41 -25.27 -4.12
N ASP A 113 4.68 -23.96 -4.24
CA ASP A 113 3.71 -22.97 -4.66
C ASP A 113 2.54 -22.84 -3.68
N LEU A 114 2.77 -23.17 -2.41
CA LEU A 114 1.74 -22.99 -1.40
C LEU A 114 2.09 -21.63 -0.73
N ILE A 115 1.45 -20.55 -1.19
CA ILE A 115 1.85 -19.20 -0.79
C ILE A 115 1.13 -18.75 0.45
N TYR A 116 0.04 -19.43 0.83
CA TYR A 116 -0.71 -19.02 2.02
C TYR A 116 -0.41 -19.96 3.19
N THR A 117 -0.19 -19.39 4.38
CA THR A 117 0.07 -20.19 5.57
C THR A 117 -0.53 -19.46 6.77
N TYR A 118 -1.21 -20.15 7.71
CA TYR A 118 -1.64 -19.45 8.91
C TYR A 118 -0.55 -19.31 9.92
N SER A 119 -0.59 -18.23 10.66
CA SER A 119 0.41 -18.03 11.69
C SER A 119 -0.41 -17.73 12.94
N GLY A 120 -1.02 -18.76 13.51
CA GLY A 120 -2.01 -18.48 14.53
C GLY A 120 -3.27 -17.88 13.93
N LEU A 121 -3.70 -16.78 14.53
CA LEU A 121 -4.91 -16.06 14.13
C LEU A 121 -4.90 -15.33 12.74
N PHE A 122 -3.71 -15.07 12.20
CA PHE A 122 -3.72 -14.30 10.93
C PHE A 122 -3.06 -15.08 9.83
N LEU A 123 -3.25 -14.64 8.60
CA LEU A 123 -2.74 -15.31 7.41
C LEU A 123 -1.45 -14.66 6.91
N VAL A 124 -0.47 -15.46 6.51
CA VAL A 124 0.78 -14.95 5.86
C VAL A 124 0.62 -15.35 4.37
N ALA A 125 0.97 -14.44 3.48
CA ALA A 125 0.84 -14.66 2.03
C ALA A 125 2.18 -14.31 1.43
N VAL A 126 2.92 -15.25 0.85
CA VAL A 126 4.24 -14.90 0.31
C VAL A 126 4.09 -14.76 -1.21
N ASN A 127 4.44 -13.61 -1.76
CA ASN A 127 4.20 -13.33 -3.19
C ASN A 127 4.91 -14.38 -4.08
N PRO A 128 4.15 -15.11 -4.93
CA PRO A 128 4.75 -16.12 -5.87
C PRO A 128 5.44 -15.47 -7.07
N PHE A 129 5.08 -14.20 -7.39
CA PHE A 129 5.56 -13.54 -8.67
C PHE A 129 5.36 -14.44 -9.87
N LYS A 130 4.29 -15.23 -9.83
CA LYS A 130 3.79 -15.90 -11.04
C LYS A 130 2.38 -16.36 -10.81
N ARG A 131 1.68 -16.74 -11.87
CA ARG A 131 0.27 -17.09 -11.65
C ARG A 131 0.16 -18.50 -11.10
N ILE A 132 -0.73 -18.70 -10.15
CA ILE A 132 -1.03 -20.00 -9.58
C ILE A 132 -2.58 -20.17 -9.65
N PRO A 133 -3.07 -21.31 -10.18
CA PRO A 133 -4.51 -21.38 -10.49
C PRO A 133 -5.38 -21.72 -9.28
N ILE A 134 -5.35 -20.86 -8.26
CA ILE A 134 -6.13 -21.12 -7.07
C ILE A 134 -7.25 -20.11 -6.85
N TYR A 135 -7.56 -19.31 -7.86
CA TYR A 135 -8.58 -18.29 -7.70
C TYR A 135 -9.75 -18.44 -8.66
N THR A 136 -9.96 -19.66 -9.14
CA THR A 136 -11.06 -19.89 -10.10
C THR A 136 -12.38 -19.89 -9.40
N GLN A 137 -13.47 -19.83 -10.18
CA GLN A 137 -14.80 -20.01 -9.59
C GLN A 137 -14.94 -21.36 -8.85
N GLU A 138 -14.32 -22.41 -9.38
CA GLU A 138 -14.42 -23.70 -8.67
C GLU A 138 -13.74 -23.68 -7.28
N MET A 139 -12.63 -22.91 -7.19
CA MET A 139 -11.95 -22.70 -5.90
C MET A 139 -12.82 -21.89 -4.98
N VAL A 140 -13.42 -20.79 -5.51
CA VAL A 140 -14.35 -20.01 -4.73
C VAL A 140 -15.41 -20.93 -4.15
N ASP A 141 -16.02 -21.74 -5.00
CA ASP A 141 -17.17 -22.61 -4.54
C ASP A 141 -16.72 -23.57 -3.48
N ILE A 142 -15.46 -23.97 -3.54
CA ILE A 142 -14.99 -24.87 -2.49
C ILE A 142 -14.93 -24.26 -1.10
N PHE A 143 -14.52 -23.00 -1.04
CA PHE A 143 -14.35 -22.34 0.24
C PHE A 143 -15.64 -21.83 0.86
N LYS A 144 -16.65 -21.69 0.03
CA LYS A 144 -17.91 -21.08 0.49
C LYS A 144 -18.47 -21.80 1.68
N GLY A 145 -18.60 -21.05 2.77
CA GLY A 145 -19.14 -21.56 4.01
C GLY A 145 -18.27 -22.43 4.88
N ARG A 146 -17.03 -22.73 4.45
CA ARG A 146 -16.18 -23.62 5.22
C ARG A 146 -15.47 -22.90 6.36
N ARG A 147 -15.51 -23.51 7.52
CA ARG A 147 -14.77 -22.97 8.64
C ARG A 147 -13.29 -23.02 8.29
N ARG A 148 -12.53 -22.18 8.95
CA ARG A 148 -11.09 -22.11 8.62
C ARG A 148 -10.31 -23.45 8.71
N ASN A 149 -10.60 -24.24 9.74
CA ASN A 149 -9.86 -25.49 9.98
C ASN A 149 -10.39 -26.65 9.15
N GLU A 150 -11.42 -26.40 8.35
CA GLU A 150 -11.94 -27.36 7.39
C GLU A 150 -11.26 -27.34 6.02
N VAL A 151 -10.50 -26.28 5.69
CA VAL A 151 -10.00 -26.12 4.33
C VAL A 151 -8.57 -25.57 4.43
N ALA A 152 -7.82 -25.63 3.34
CA ALA A 152 -6.38 -25.21 3.37
C ALA A 152 -6.30 -23.67 3.51
N PRO A 153 -5.15 -23.15 3.94
CA PRO A 153 -4.98 -21.70 4.09
C PRO A 153 -5.20 -21.03 2.76
N HIS A 154 -5.91 -19.90 2.76
CA HIS A 154 -6.19 -19.23 1.49
C HIS A 154 -6.77 -17.88 1.86
N ILE A 155 -6.56 -16.90 0.99
CA ILE A 155 -7.20 -15.57 1.14
C ILE A 155 -8.75 -15.70 1.13
N PHE A 156 -9.26 -16.63 0.33
CA PHE A 156 -10.73 -16.93 0.35
C PHE A 156 -11.22 -17.36 1.71
N ALA A 157 -10.44 -18.13 2.42
CA ALA A 157 -10.88 -18.65 3.73
C ALA A 157 -11.03 -17.55 4.80
N ILE A 158 -10.04 -16.64 4.89
CA ILE A 158 -10.15 -15.57 5.86
C ILE A 158 -11.30 -14.62 5.40
N SER A 159 -11.54 -14.52 4.10
CA SER A 159 -12.62 -13.69 3.61
C SER A 159 -13.96 -14.32 4.07
N ASP A 160 -14.07 -15.63 3.90
CA ASP A 160 -15.32 -16.33 4.37
C ASP A 160 -15.48 -16.18 5.85
N VAL A 161 -14.38 -16.31 6.61
CA VAL A 161 -14.48 -16.11 8.06
C VAL A 161 -15.01 -14.76 8.44
N ALA A 162 -14.55 -13.71 7.77
CA ALA A 162 -15.05 -12.36 8.07
C ALA A 162 -16.53 -12.22 7.67
N TYR A 163 -16.89 -12.83 6.54
CA TYR A 163 -18.26 -12.78 6.04
C TYR A 163 -19.24 -13.47 7.04
N ARG A 164 -18.88 -14.65 7.55
CA ARG A 164 -19.73 -15.34 8.59
C ARG A 164 -19.73 -14.63 9.93
N SER A 165 -18.61 -14.03 10.33
CA SER A 165 -18.61 -13.24 11.54
C SER A 165 -19.55 -12.07 11.41
N MET A 166 -19.59 -11.48 10.21
CA MET A 166 -20.43 -10.31 9.90
C MET A 166 -21.92 -10.76 10.05
N LEU A 167 -22.24 -11.90 9.45
CA LEU A 167 -23.64 -12.46 9.56
C LEU A 167 -24.01 -12.81 10.99
N ASP A 168 -23.20 -13.65 11.62
CA ASP A 168 -23.42 -14.16 12.99
C ASP A 168 -23.42 -13.13 14.08
N ASP A 169 -22.54 -12.13 13.97
CA ASP A 169 -22.33 -11.20 15.07
C ASP A 169 -23.00 -9.86 14.85
N ARG A 170 -23.59 -9.65 13.66
CA ARG A 170 -24.14 -8.37 13.21
C ARG A 170 -23.18 -7.17 13.39
N GLN A 171 -21.95 -7.35 12.90
CA GLN A 171 -20.85 -6.41 13.26
C GLN A 171 -20.01 -6.23 12.00
N ASN A 172 -19.65 -5.00 11.72
CA ASN A 172 -18.84 -4.68 10.54
C ASN A 172 -17.44 -5.25 10.73
N GLN A 173 -16.78 -5.63 9.62
CA GLN A 173 -15.46 -6.34 9.74
C GLN A 173 -14.49 -5.56 8.87
N SER A 174 -13.19 -5.71 9.14
CA SER A 174 -12.24 -5.17 8.13
C SER A 174 -11.21 -6.27 7.80
N LEU A 175 -10.62 -6.19 6.62
CA LEU A 175 -9.51 -7.08 6.26
C LEU A 175 -8.33 -6.14 5.97
N LEU A 176 -7.30 -6.27 6.78
CA LEU A 176 -6.18 -5.30 6.78
C LEU A 176 -5.00 -6.07 6.21
N ILE A 177 -4.58 -5.66 5.03
CA ILE A 177 -3.60 -6.45 4.30
C ILE A 177 -2.29 -5.64 4.30
N THR A 178 -1.29 -6.12 5.05
CA THR A 178 -0.08 -5.32 5.24
C THR A 178 0.98 -5.78 4.26
N GLY A 179 2.01 -4.95 4.06
CA GLY A 179 3.15 -5.47 3.27
C GLY A 179 3.95 -4.28 2.73
N GLU A 180 5.27 -4.47 2.57
CA GLU A 180 6.05 -3.48 1.83
C GLU A 180 5.67 -3.39 0.35
N SER A 181 6.11 -2.35 -0.35
CA SER A 181 5.75 -2.26 -1.75
C SER A 181 6.14 -3.51 -2.53
N GLY A 182 5.21 -4.03 -3.34
CA GLY A 182 5.51 -5.25 -4.13
C GLY A 182 5.08 -6.56 -3.46
N ALA A 183 4.69 -6.49 -2.20
CA ALA A 183 4.47 -7.73 -1.42
C ALA A 183 3.22 -8.54 -1.82
N GLY A 184 2.19 -7.90 -2.41
CA GLY A 184 0.96 -8.60 -2.83
C GLY A 184 -0.35 -8.03 -2.30
N LYS A 185 -0.33 -6.83 -1.68
CA LYS A 185 -1.57 -6.30 -1.06
C LYS A 185 -2.69 -6.09 -2.05
N THR A 186 -2.35 -5.46 -3.17
CA THR A 186 -3.37 -5.08 -4.19
C THR A 186 -3.95 -6.34 -4.82
N GLU A 187 -3.10 -7.33 -5.10
CA GLU A 187 -3.63 -8.62 -5.66
C GLU A 187 -4.48 -9.31 -4.67
N ASN A 188 -4.08 -9.37 -3.40
CA ASN A 188 -4.92 -10.06 -2.47
C ASN A 188 -6.22 -9.30 -2.16
N THR A 189 -6.12 -7.97 -2.12
CA THR A 189 -7.35 -7.13 -2.05
C THR A 189 -8.38 -7.56 -3.10
N LYS A 190 -7.93 -7.66 -4.35
CA LYS A 190 -8.83 -7.99 -5.46
C LYS A 190 -9.43 -9.40 -5.27
N LYS A 191 -8.68 -10.29 -4.64
CA LYS A 191 -9.23 -11.66 -4.42
C LYS A 191 -10.28 -11.66 -3.35
N VAL A 192 -10.07 -10.84 -2.32
CA VAL A 192 -11.09 -10.72 -1.27
C VAL A 192 -12.38 -10.20 -1.92
N ILE A 193 -12.26 -9.16 -2.75
CA ILE A 193 -13.45 -8.55 -3.42
C ILE A 193 -14.14 -9.58 -4.33
N GLN A 194 -13.34 -10.20 -5.18
CA GLN A 194 -13.83 -11.32 -6.02
C GLN A 194 -14.68 -12.32 -5.20
N TYR A 195 -14.13 -12.78 -4.08
CA TYR A 195 -14.69 -13.85 -3.26
C TYR A 195 -16.03 -13.39 -2.67
N LEU A 196 -16.02 -12.16 -2.13
CA LEU A 196 -17.20 -11.64 -1.42
C LEU A 196 -18.28 -11.37 -2.43
N ALA A 197 -17.90 -10.90 -3.62
CA ALA A 197 -18.92 -10.56 -4.61
C ALA A 197 -19.62 -11.84 -5.07
N SER A 198 -18.86 -12.93 -5.13
CA SER A 198 -19.36 -14.21 -5.57
C SER A 198 -20.21 -14.85 -4.52
N VAL A 199 -19.65 -15.08 -3.34
CA VAL A 199 -20.44 -15.79 -2.34
C VAL A 199 -21.63 -15.03 -1.74
N ALA A 200 -21.67 -13.70 -1.85
CA ALA A 200 -22.82 -12.95 -1.35
C ALA A 200 -23.79 -12.44 -2.46
N GLY A 201 -23.64 -12.91 -3.71
CA GLY A 201 -24.84 -13.22 -4.61
C GLY A 201 -25.54 -12.20 -5.50
N ARG A 202 -26.10 -12.63 -6.63
CA ARG A 202 -25.89 -13.98 -7.18
C ARG A 202 -27.23 -14.66 -7.44
N ASN A 203 -27.71 -14.57 -8.69
CA ASN A 203 -28.96 -15.23 -9.11
C ASN A 203 -29.04 -16.72 -8.68
N SER A 208 -28.72 -9.16 -11.82
CA SER A 208 -28.39 -9.60 -10.46
C SER A 208 -26.94 -10.05 -10.44
N GLY A 209 -26.23 -9.69 -11.50
CA GLY A 209 -24.79 -9.84 -11.58
C GLY A 209 -24.13 -8.60 -12.20
N VAL A 210 -24.91 -7.54 -12.46
CA VAL A 210 -24.37 -6.33 -13.10
C VAL A 210 -23.55 -5.50 -12.11
N LEU A 211 -24.08 -5.35 -10.90
CA LEU A 211 -23.38 -4.64 -9.81
C LEU A 211 -22.03 -5.33 -9.50
N GLU A 212 -22.07 -6.64 -9.30
CA GLU A 212 -20.85 -7.41 -9.12
C GLU A 212 -19.82 -7.19 -10.20
N GLN A 213 -20.26 -7.12 -11.44
CA GLN A 213 -19.37 -6.83 -12.52
C GLN A 213 -18.82 -5.37 -12.44
N GLN A 214 -19.68 -4.43 -12.05
CA GLN A 214 -19.21 -3.06 -12.00
C GLN A 214 -18.11 -2.95 -10.90
N ILE A 215 -18.34 -3.67 -9.81
CA ILE A 215 -17.46 -3.61 -8.64
C ILE A 215 -16.09 -4.05 -9.11
N LEU A 216 -16.04 -5.11 -9.94
CA LEU A 216 -14.76 -5.67 -10.35
C LEU A 216 -14.10 -4.78 -11.36
N GLN A 217 -14.92 -4.15 -12.18
CA GLN A 217 -14.39 -3.37 -13.29
C GLN A 217 -13.87 -1.98 -12.82
N ALA A 218 -14.20 -1.59 -11.61
CA ALA A 218 -13.65 -0.36 -11.03
C ALA A 218 -12.10 -0.46 -11.00
N ASN A 219 -11.58 -1.68 -10.81
CA ASN A 219 -10.12 -1.84 -10.59
C ASN A 219 -9.25 -1.48 -11.70
N PRO A 220 -9.51 -1.93 -12.96
CA PRO A 220 -8.59 -1.50 -14.04
C PRO A 220 -8.60 0.01 -14.21
N ILE A 221 -9.74 0.64 -13.94
CA ILE A 221 -9.81 2.08 -14.10
C ILE A 221 -8.93 2.71 -13.01
N LEU A 222 -9.19 2.35 -11.76
CA LEU A 222 -8.31 2.93 -10.66
C LEU A 222 -6.84 2.62 -10.88
N GLU A 223 -6.50 1.38 -11.31
CA GLU A 223 -5.05 1.08 -11.50
C GLU A 223 -4.45 1.83 -12.66
N ALA A 224 -5.24 2.07 -13.74
CA ALA A 224 -4.64 2.71 -14.89
C ALA A 224 -4.21 4.15 -14.49
N PHE A 225 -5.08 4.79 -13.67
CA PHE A 225 -4.80 6.16 -13.28
C PHE A 225 -3.97 6.34 -12.01
N GLY A 226 -4.00 5.33 -11.15
CA GLY A 226 -3.38 5.51 -9.77
C GLY A 226 -2.17 4.61 -9.54
N ASN A 227 -1.86 3.73 -10.49
CA ASN A 227 -0.65 2.87 -10.35
C ASN A 227 0.40 3.17 -11.38
N ALA A 228 1.65 2.78 -11.05
CA ALA A 228 2.77 3.11 -11.96
C ALA A 228 3.87 2.15 -11.69
N LYS A 229 4.78 2.03 -12.65
CA LYS A 229 6.03 1.31 -12.33
C LYS A 229 6.96 2.09 -11.41
N THR A 230 7.27 1.52 -10.21
CA THR A 230 8.37 2.09 -9.46
C THR A 230 9.53 1.04 -9.49
N THR A 231 10.64 1.37 -8.87
CA THR A 231 11.76 0.35 -8.74
C THR A 231 11.36 -0.85 -7.85
N ARG A 232 10.24 -0.73 -7.11
CA ARG A 232 9.88 -1.83 -6.20
C ARG A 232 8.68 -2.66 -6.70
N ASN A 233 7.89 -2.11 -7.60
CA ASN A 233 6.72 -2.82 -8.07
C ASN A 233 6.35 -2.27 -9.43
N ASN A 234 6.31 -3.15 -10.46
CA ASN A 234 5.86 -2.76 -11.81
C ASN A 234 4.44 -2.23 -11.82
N ASN A 235 3.65 -2.62 -10.81
CA ASN A 235 2.26 -2.10 -10.70
C ASN A 235 2.02 -1.47 -9.31
N ALA A 236 2.93 -0.55 -8.90
CA ALA A 236 2.88 0.06 -7.51
C ALA A 236 1.63 0.91 -7.40
N SER A 237 0.92 0.73 -6.28
CA SER A 237 -0.25 1.59 -5.99
C SER A 237 0.27 2.93 -5.52
N ARG A 238 -0.11 4.04 -6.16
CA ARG A 238 0.50 5.35 -5.73
C ARG A 238 -0.64 6.18 -5.06
N PHE A 239 -1.71 5.50 -4.70
CA PHE A 239 -2.72 6.03 -3.75
C PHE A 239 -3.18 4.81 -2.90
N GLY A 240 -3.61 5.06 -1.65
CA GLY A 240 -4.18 4.09 -0.76
C GLY A 240 -5.71 4.10 -0.93
N LYS A 241 -6.33 2.97 -0.59
CA LYS A 241 -7.82 2.92 -0.64
C LYS A 241 -8.35 2.00 0.47
N PHE A 242 -9.58 2.28 0.90
CA PHE A 242 -10.31 1.39 1.80
C PHE A 242 -11.62 1.11 1.04
N ILE A 243 -11.84 -0.15 0.69
CA ILE A 243 -13.02 -0.52 -0.13
C ILE A 243 -14.07 -1.07 0.81
N GLU A 244 -15.26 -0.43 0.88
CA GLU A 244 -16.31 -0.97 1.76
C GLU A 244 -17.21 -1.84 0.91
N ILE A 245 -17.21 -3.17 1.10
CA ILE A 245 -18.15 -4.01 0.38
C ILE A 245 -19.43 -4.01 1.25
N GLN A 246 -20.54 -3.52 0.68
CA GLN A 246 -21.75 -3.31 1.54
C GLN A 246 -22.81 -4.42 1.34
N PHE A 247 -23.47 -4.78 2.42
CA PHE A 247 -24.43 -5.95 2.43
C PHE A 247 -25.74 -5.51 3.08
N ASN A 248 -26.88 -6.04 2.60
CA ASN A 248 -28.18 -5.65 3.21
C ASN A 248 -28.38 -6.52 4.41
N SER A 249 -29.50 -6.38 5.16
CA SER A 249 -29.52 -7.08 6.45
C SER A 249 -29.63 -8.58 6.28
N ALA A 250 -29.98 -9.01 5.09
CA ALA A 250 -30.03 -10.43 4.79
C ALA A 250 -28.64 -11.00 4.43
N GLY A 251 -27.68 -10.13 4.10
CA GLY A 251 -26.33 -10.64 3.84
C GLY A 251 -25.94 -10.73 2.40
N PHE A 252 -26.78 -10.21 1.52
CA PHE A 252 -26.41 -10.14 0.11
C PHE A 252 -25.69 -8.82 -0.09
N ILE A 253 -24.80 -8.81 -1.04
CA ILE A 253 -24.11 -7.57 -1.40
C ILE A 253 -25.12 -6.57 -2.00
N SER A 254 -25.14 -5.34 -1.48
CA SER A 254 -26.02 -4.26 -1.94
C SER A 254 -25.26 -3.11 -2.60
N GLY A 255 -23.92 -3.05 -2.36
CA GLY A 255 -23.18 -2.06 -3.09
C GLY A 255 -21.70 -2.11 -2.68
N ALA A 256 -20.98 -1.07 -3.08
CA ALA A 256 -19.58 -0.87 -2.54
C ALA A 256 -19.30 0.61 -2.56
N SER A 257 -18.31 1.03 -1.78
CA SER A 257 -17.90 2.44 -1.81
C SER A 257 -16.37 2.47 -1.62
N ILE A 258 -15.71 3.26 -2.44
CA ILE A 258 -14.26 3.31 -2.37
C ILE A 258 -13.82 4.59 -1.70
N GLN A 259 -13.12 4.49 -0.57
CA GLN A 259 -12.48 5.67 -0.02
C GLN A 259 -11.05 5.71 -0.58
N SER A 260 -10.69 6.75 -1.32
CA SER A 260 -9.34 6.83 -1.86
C SER A 260 -8.61 7.86 -1.00
N TYR A 261 -7.32 7.65 -0.83
CA TYR A 261 -6.47 8.58 -0.13
C TYR A 261 -5.53 9.32 -1.06
N LEU A 262 -4.74 10.19 -0.48
CA LEU A 262 -3.98 11.15 -1.26
C LEU A 262 -3.21 10.45 -2.40
N LEU A 263 -3.31 11.00 -3.61
CA LEU A 263 -2.55 10.41 -4.73
C LEU A 263 -1.14 11.06 -4.83
N GLU A 264 -0.11 10.31 -5.21
CA GLU A 264 1.23 10.92 -5.43
C GLU A 264 1.27 11.70 -6.78
N LYS A 265 0.68 12.90 -6.79
CA LYS A 265 0.58 13.70 -8.02
C LYS A 265 1.91 14.11 -8.55
N SER A 266 2.92 14.17 -7.70
CA SER A 266 4.28 14.53 -8.18
C SER A 266 4.80 13.66 -9.37
N ARG A 267 4.35 12.38 -9.41
CA ARG A 267 4.84 11.45 -10.42
C ARG A 267 4.38 11.92 -11.83
N VAL A 268 3.26 12.66 -11.90
CA VAL A 268 2.89 13.15 -13.23
C VAL A 268 4.00 13.95 -13.89
N VAL A 269 4.76 14.72 -13.13
CA VAL A 269 5.71 15.64 -13.75
C VAL A 269 7.14 15.19 -13.63
N PHE A 270 7.41 14.17 -12.80
CA PHE A 270 8.78 13.74 -12.60
C PHE A 270 8.83 12.24 -12.28
N GLN A 271 9.74 11.49 -12.92
CA GLN A 271 9.91 10.08 -12.49
C GLN A 271 11.40 9.79 -12.41
N SER A 272 11.81 9.03 -11.39
CA SER A 272 13.19 8.65 -11.27
C SER A 272 13.63 7.65 -12.35
N GLU A 273 14.97 7.45 -12.45
CA GLU A 273 15.48 6.60 -13.52
C GLU A 273 14.86 5.23 -13.44
N THR A 274 14.46 4.66 -14.57
CA THR A 274 13.79 3.32 -14.74
C THR A 274 12.30 3.26 -14.36
N GLU A 275 11.76 4.29 -13.69
CA GLU A 275 10.35 4.22 -13.38
C GLU A 275 9.49 4.68 -14.55
N ARG A 276 8.17 4.58 -14.37
CA ARG A 276 7.26 5.18 -15.31
C ARG A 276 6.36 6.21 -14.62
N ASN A 277 5.76 7.06 -15.45
CA ASN A 277 4.52 7.80 -15.05
C ASN A 277 3.36 6.80 -14.86
N TYR A 278 2.17 7.31 -14.56
CA TYR A 278 1.00 6.48 -14.40
C TYR A 278 0.71 5.74 -15.73
N HIS A 279 0.18 4.53 -15.61
CA HIS A 279 0.07 3.58 -16.76
C HIS A 279 -0.75 4.23 -17.88
N ILE A 280 -1.78 5.01 -17.49
CA ILE A 280 -2.76 5.58 -18.46
C ILE A 280 -2.06 6.35 -19.56
N PHE A 281 -0.98 7.04 -19.26
CA PHE A 281 -0.34 7.83 -20.30
C PHE A 281 0.20 6.89 -21.40
N TYR A 282 0.80 5.79 -20.97
CA TYR A 282 1.36 4.83 -21.95
C TYR A 282 0.25 4.10 -22.67
N GLN A 283 -0.84 3.82 -21.93
CA GLN A 283 -1.99 3.14 -22.50
C GLN A 283 -2.62 3.96 -23.65
N LEU A 284 -2.79 5.25 -23.42
CA LEU A 284 -3.33 6.12 -24.47
C LEU A 284 -2.50 6.17 -25.70
N LEU A 285 -1.21 6.43 -25.50
CA LEU A 285 -0.35 6.66 -26.63
C LEU A 285 -0.18 5.35 -27.44
N ALA A 286 -0.24 4.21 -26.74
CA ALA A 286 -0.09 2.88 -27.38
C ALA A 286 -1.39 2.42 -28.02
N GLY A 287 -2.50 2.76 -27.42
CA GLY A 287 -3.80 2.19 -27.75
C GLY A 287 -4.79 3.07 -28.55
N ALA A 288 -4.62 4.38 -28.63
CA ALA A 288 -5.49 5.24 -29.47
C ALA A 288 -5.23 4.63 -30.85
N THR A 289 -6.18 4.01 -31.53
CA THR A 289 -7.33 4.54 -32.32
C THR A 289 -6.64 5.12 -33.58
N ALA A 290 -7.21 6.06 -34.30
CA ALA A 290 -6.49 6.59 -35.46
C ALA A 290 -6.68 8.10 -35.48
N GLU A 291 -7.95 8.46 -35.41
CA GLU A 291 -8.38 9.85 -35.38
C GLU A 291 -8.32 10.35 -33.96
N GLU A 292 -8.10 9.42 -33.01
CA GLU A 292 -7.90 9.89 -31.67
C GLU A 292 -6.54 10.56 -31.64
N LYS A 293 -5.54 9.94 -32.22
CA LYS A 293 -4.20 10.48 -32.17
C LYS A 293 -4.08 11.82 -32.88
N LYS A 294 -4.81 12.00 -33.97
CA LYS A 294 -4.82 13.29 -34.66
C LYS A 294 -5.70 14.29 -33.93
N ALA A 295 -6.89 13.89 -33.53
CA ALA A 295 -7.71 14.80 -32.74
C ALA A 295 -7.01 15.28 -31.45
N LEU A 296 -6.17 14.44 -30.85
CA LEU A 296 -5.45 14.80 -29.59
C LEU A 296 -4.00 15.26 -29.78
N HIS A 297 -3.54 15.34 -31.05
CA HIS A 297 -2.20 15.75 -31.38
C HIS A 297 -1.11 14.94 -30.67
N LEU A 298 -1.34 13.64 -30.59
CA LEU A 298 -0.45 12.69 -29.90
C LEU A 298 0.70 12.22 -30.80
N ALA A 299 1.86 11.86 -30.25
CA ALA A 299 2.88 11.10 -30.94
C ALA A 299 3.33 10.03 -29.94
N GLY A 300 4.60 9.58 -30.00
CA GLY A 300 5.05 8.51 -29.08
C GLY A 300 5.55 9.07 -27.73
N PRO A 301 5.80 8.19 -26.76
CA PRO A 301 6.13 8.73 -25.43
C PRO A 301 7.43 9.46 -25.46
N GLU A 302 8.33 9.08 -26.37
CA GLU A 302 9.64 9.73 -26.38
C GLU A 302 9.52 11.25 -26.67
N SER A 303 8.40 11.64 -27.23
CA SER A 303 8.22 13.05 -27.66
C SER A 303 7.65 13.94 -26.52
N PHE A 304 7.42 13.34 -25.35
CA PHE A 304 6.81 14.11 -24.25
C PHE A 304 7.73 14.15 -23.03
N ASN A 305 7.97 15.35 -22.54
CA ASN A 305 8.88 15.58 -21.41
CA ASN A 305 8.88 15.57 -21.44
C ASN A 305 8.41 14.75 -20.21
N TYR A 306 7.11 14.60 -20.06
CA TYR A 306 6.62 13.93 -18.84
C TYR A 306 6.76 12.42 -18.95
N LEU A 307 7.19 11.90 -20.11
CA LEU A 307 7.35 10.43 -20.31
C LEU A 307 8.75 10.06 -20.82
N ASN A 308 9.59 11.03 -21.10
CA ASN A 308 10.85 10.69 -21.76
C ASN A 308 12.05 10.92 -20.91
N GLN A 309 11.87 11.00 -19.60
CA GLN A 309 12.95 11.33 -18.68
C GLN A 309 13.58 10.08 -18.05
N SER A 310 12.78 9.09 -17.71
CA SER A 310 13.27 8.02 -16.80
C SER A 310 14.01 6.95 -17.59
N GLY A 311 13.84 6.98 -18.91
CA GLY A 311 14.45 6.00 -19.81
C GLY A 311 13.66 4.74 -19.95
N CYS A 312 12.46 4.68 -19.33
CA CYS A 312 11.63 3.50 -19.35
C CYS A 312 10.28 3.89 -19.82
N VAL A 313 9.87 3.32 -20.94
CA VAL A 313 8.53 3.51 -21.45
C VAL A 313 7.70 2.27 -21.51
N ASP A 314 8.27 1.11 -21.18
CA ASP A 314 7.42 -0.08 -21.13
C ASP A 314 7.83 -1.01 -20.08
N ILE A 315 6.91 -1.91 -19.75
CA ILE A 315 7.05 -2.84 -18.64
C ILE A 315 7.08 -4.27 -19.27
N LYS A 316 8.11 -5.05 -18.95
CA LYS A 316 8.18 -6.46 -19.44
C LYS A 316 6.88 -7.23 -19.15
N GLY A 317 6.29 -7.82 -20.17
CA GLY A 317 5.13 -8.67 -19.98
C GLY A 317 3.82 -7.93 -20.02
N VAL A 318 3.88 -6.62 -20.25
CA VAL A 318 2.68 -5.81 -20.32
C VAL A 318 2.53 -5.14 -21.69
N SER A 319 1.35 -5.27 -22.26
CA SER A 319 1.01 -4.62 -23.51
C SER A 319 0.17 -3.42 -23.13
N ASP A 320 0.73 -2.22 -23.20
CA ASP A 320 -0.05 -1.03 -22.84
C ASP A 320 -1.21 -0.86 -23.79
N SER A 321 -1.04 -1.22 -25.08
CA SER A 321 -2.19 -1.15 -25.98
C SER A 321 -3.32 -2.09 -25.58
N GLU A 322 -3.01 -3.32 -25.22
CA GLU A 322 -4.06 -4.20 -24.71
C GLU A 322 -4.66 -3.69 -23.40
N GLU A 323 -3.83 -3.13 -22.53
CA GLU A 323 -4.40 -2.63 -21.28
C GLU A 323 -5.37 -1.47 -21.53
N PHE A 324 -5.05 -0.68 -22.55
CA PHE A 324 -5.93 0.47 -22.89
C PHE A 324 -7.32 -0.06 -23.28
N LYS A 325 -7.35 -1.16 -24.08
CA LYS A 325 -8.65 -1.75 -24.44
C LYS A 325 -9.35 -2.20 -23.20
N ILE A 326 -8.62 -2.78 -22.25
CA ILE A 326 -9.24 -3.25 -21.02
C ILE A 326 -9.74 -2.08 -20.16
N THR A 327 -8.95 -1.01 -20.06
CA THR A 327 -9.45 0.18 -19.32
C THR A 327 -10.76 0.77 -19.93
N ARG A 328 -10.80 0.90 -21.27
CA ARG A 328 -11.96 1.48 -21.94
C ARG A 328 -13.16 0.60 -21.77
N GLN A 329 -12.91 -0.70 -21.82
CA GLN A 329 -13.97 -1.68 -21.66
C GLN A 329 -14.53 -1.61 -20.25
N ALA A 330 -13.66 -1.37 -19.26
CA ALA A 330 -14.14 -1.13 -17.91
C ALA A 330 -14.89 0.19 -17.78
N MET A 331 -14.39 1.23 -18.43
CA MET A 331 -15.12 2.49 -18.38
C MET A 331 -16.54 2.27 -18.96
N ASP A 332 -16.63 1.50 -20.04
CA ASP A 332 -17.99 1.22 -20.62
C ASP A 332 -18.86 0.54 -19.60
N ILE A 333 -18.33 -0.49 -18.92
CA ILE A 333 -19.13 -1.29 -18.00
C ILE A 333 -19.55 -0.50 -16.78
N VAL A 334 -18.63 0.34 -16.29
CA VAL A 334 -18.99 1.13 -15.19
C VAL A 334 -20.02 2.22 -15.61
N GLY A 335 -19.98 2.68 -16.84
CA GLY A 335 -21.03 3.62 -17.19
C GLY A 335 -20.57 5.01 -17.59
N PHE A 336 -19.25 5.22 -17.72
CA PHE A 336 -18.80 6.43 -18.38
C PHE A 336 -19.28 6.57 -19.85
N SER A 337 -19.88 7.71 -20.17
CA SER A 337 -20.33 7.96 -21.54
C SER A 337 -19.17 8.13 -22.53
N GLN A 338 -19.46 7.97 -23.83
CA GLN A 338 -18.44 8.19 -24.82
C GLN A 338 -17.89 9.62 -24.80
N GLU A 339 -18.73 10.60 -24.47
CA GLU A 339 -18.25 11.96 -24.44
C GLU A 339 -17.33 12.10 -23.18
N GLU A 340 -17.73 11.46 -22.10
CA GLU A 340 -16.95 11.48 -20.83
C GLU A 340 -15.59 10.83 -21.04
N GLN A 341 -15.55 9.71 -21.75
CA GLN A 341 -14.28 9.04 -22.03
C GLN A 341 -13.44 9.91 -22.89
N MET A 342 -14.05 10.51 -23.91
CA MET A 342 -13.28 11.38 -24.77
C MET A 342 -12.68 12.60 -23.96
N SER A 343 -13.43 13.18 -23.04
CA SER A 343 -12.93 14.33 -22.21
C SER A 343 -11.80 13.85 -21.27
N ILE A 344 -12.01 12.68 -20.66
CA ILE A 344 -10.91 12.03 -19.84
C ILE A 344 -9.60 11.95 -20.62
N PHE A 345 -9.67 11.39 -21.85
CA PHE A 345 -8.46 11.41 -22.72
C PHE A 345 -7.95 12.78 -23.22
N LYS A 346 -8.84 13.74 -23.46
CA LYS A 346 -8.37 15.10 -23.75
C LYS A 346 -7.55 15.65 -22.60
N ILE A 347 -8.00 15.36 -21.40
CA ILE A 347 -7.26 15.86 -20.20
C ILE A 347 -5.88 15.16 -20.09
N ILE A 348 -5.83 13.83 -20.28
CA ILE A 348 -4.54 13.11 -20.33
C ILE A 348 -3.65 13.73 -21.39
N ALA A 349 -4.17 13.88 -22.63
CA ALA A 349 -3.37 14.46 -23.69
C ALA A 349 -2.90 15.89 -23.41
N GLY A 350 -3.83 16.67 -22.88
CA GLY A 350 -3.53 18.07 -22.50
C GLY A 350 -2.38 18.20 -21.49
N ILE A 351 -2.38 17.27 -20.54
CA ILE A 351 -1.30 17.25 -19.51
C ILE A 351 -0.04 17.01 -20.23
N LEU A 352 -0.03 16.04 -21.17
CA LEU A 352 1.24 15.80 -21.83
C LEU A 352 1.67 17.02 -22.67
N HIS A 353 0.72 17.65 -23.35
CA HIS A 353 1.09 18.92 -24.07
C HIS A 353 1.59 19.99 -23.12
N LEU A 354 0.94 20.15 -21.95
CA LEU A 354 1.45 21.17 -21.00
C LEU A 354 2.87 20.91 -20.65
N GLY A 355 3.21 19.61 -20.51
CA GLY A 355 4.60 19.32 -20.09
C GLY A 355 5.66 19.67 -21.13
N ASN A 356 5.25 19.83 -22.38
CA ASN A 356 6.11 20.18 -23.47
C ASN A 356 6.26 21.68 -23.68
N ILE A 357 5.49 22.50 -22.93
CA ILE A 357 5.80 23.94 -22.97
C ILE A 357 7.21 24.21 -22.51
N LYS A 358 8.00 24.99 -23.28
CA LYS A 358 9.33 25.32 -22.86
C LYS A 358 9.41 26.82 -22.62
N PHE A 359 9.55 27.23 -21.35
CA PHE A 359 9.69 28.65 -21.07
C PHE A 359 11.12 29.07 -21.33
N GLU A 360 11.33 30.27 -21.82
CA GLU A 360 12.72 30.76 -21.76
C GLU A 360 12.87 32.17 -21.31
N LYS A 361 14.11 32.61 -21.12
CA LYS A 361 14.32 33.97 -20.55
C LYS A 361 13.93 35.08 -21.55
N GLY A 362 13.22 36.10 -21.07
CA GLY A 362 12.79 37.23 -21.91
C GLY A 362 13.87 38.31 -21.94
N ALA A 363 13.52 39.54 -22.32
CA ALA A 363 14.51 40.62 -22.34
C ALA A 363 15.01 40.81 -20.93
N GLY A 364 14.09 40.74 -19.96
CA GLY A 364 14.41 40.86 -18.55
C GLY A 364 14.35 39.52 -17.82
N GLU A 365 14.14 39.55 -16.50
CA GLU A 365 14.14 38.35 -15.67
C GLU A 365 12.92 37.47 -16.00
N GLY A 366 11.83 38.09 -16.45
CA GLY A 366 10.57 37.37 -16.71
C GLY A 366 10.66 36.40 -17.89
N ALA A 367 9.95 35.28 -17.81
CA ALA A 367 9.91 34.32 -18.90
C ALA A 367 9.01 34.73 -20.07
N VAL A 368 9.32 34.13 -21.22
CA VAL A 368 8.49 34.31 -22.39
C VAL A 368 8.28 32.95 -23.05
N LEU A 369 7.31 32.85 -23.95
CA LEU A 369 7.09 31.64 -24.67
C LEU A 369 7.30 31.94 -26.19
N LYS A 370 8.42 31.48 -26.74
CA LYS A 370 8.71 31.78 -28.14
C LYS A 370 8.00 30.83 -29.06
N ASP A 371 7.91 29.56 -28.67
CA ASP A 371 7.28 28.56 -29.47
C ASP A 371 6.04 28.18 -28.70
N LYS A 372 4.88 28.35 -29.32
CA LYS A 372 3.59 28.16 -28.65
C LYS A 372 2.89 26.89 -29.13
N THR A 373 3.61 26.01 -29.79
CA THR A 373 2.93 24.81 -30.34
C THR A 373 2.23 23.96 -29.26
N ALA A 374 3.00 23.65 -28.24
CA ALA A 374 2.47 22.84 -27.08
C ALA A 374 1.36 23.59 -26.32
N LEU A 375 1.59 24.88 -26.08
CA LEU A 375 0.52 25.74 -25.43
C LEU A 375 -0.75 25.64 -26.23
N ASN A 376 -0.64 25.77 -27.57
CA ASN A 376 -1.85 25.77 -28.38
C ASN A 376 -2.55 24.44 -28.44
N ALA A 377 -1.77 23.35 -28.53
CA ALA A 377 -2.36 22.02 -28.52
C ALA A 377 -3.07 21.69 -27.20
N ALA A 378 -2.42 22.00 -26.06
CA ALA A 378 -3.12 21.87 -24.75
C ALA A 378 -4.41 22.68 -24.71
N SER A 379 -4.33 23.93 -25.14
CA SER A 379 -5.50 24.78 -25.02
C SER A 379 -6.59 24.25 -25.89
N THR A 380 -6.24 23.78 -27.10
CA THR A 380 -7.27 23.17 -27.95
C THR A 380 -7.98 21.96 -27.30
N VAL A 381 -7.20 21.00 -26.79
CA VAL A 381 -7.84 19.85 -26.19
C VAL A 381 -8.55 20.16 -24.90
N PHE A 382 -8.03 21.13 -24.10
CA PHE A 382 -8.73 21.42 -22.84
C PHE A 382 -9.95 22.30 -23.08
N GLY A 383 -10.00 22.95 -24.23
CA GLY A 383 -11.10 23.95 -24.45
C GLY A 383 -10.94 25.23 -23.64
N VAL A 384 -9.69 25.72 -23.59
CA VAL A 384 -9.43 26.99 -22.94
C VAL A 384 -8.73 27.93 -23.90
N ASN A 385 -8.70 29.22 -23.54
CA ASN A 385 -8.12 30.23 -24.37
C ASN A 385 -6.62 30.26 -24.17
N PRO A 386 -5.80 30.05 -25.23
CA PRO A 386 -4.35 30.02 -25.04
C PRO A 386 -3.73 31.31 -24.56
N SER A 387 -4.26 32.47 -24.98
CA SER A 387 -3.68 33.71 -24.48
C SER A 387 -3.91 33.93 -23.01
N VAL A 388 -5.12 33.58 -22.56
CA VAL A 388 -5.43 33.62 -21.13
C VAL A 388 -4.51 32.61 -20.36
N LEU A 389 -4.33 31.41 -20.93
CA LEU A 389 -3.50 30.39 -20.26
C LEU A 389 -2.04 30.88 -20.20
N GLU A 390 -1.51 31.42 -21.30
CA GLU A 390 -0.15 31.92 -21.31
C GLU A 390 0.10 33.00 -20.23
N LYS A 391 -0.83 33.97 -20.16
CA LYS A 391 -0.79 35.01 -19.17
C LYS A 391 -0.92 34.46 -17.73
N ALA A 392 -1.78 33.50 -17.52
CA ALA A 392 -1.91 32.91 -16.18
C ALA A 392 -0.65 32.10 -15.72
N LEU A 393 0.08 31.56 -16.69
CA LEU A 393 1.35 30.86 -16.39
C LEU A 393 2.50 31.77 -16.09
N MET A 394 2.70 32.79 -16.97
CA MET A 394 3.86 33.65 -16.82
C MET A 394 3.62 34.95 -16.06
N GLU A 395 2.37 35.42 -16.08
CA GLU A 395 2.04 36.74 -15.45
C GLU A 395 0.81 36.63 -14.55
N PRO A 396 0.85 35.68 -13.58
CA PRO A 396 -0.38 35.53 -12.79
C PRO A 396 -0.49 36.78 -11.88
N ARG A 397 -1.73 37.13 -11.60
CA ARG A 397 -2.01 38.28 -10.70
C ARG A 397 -2.23 37.83 -9.27
N ILE A 398 -1.68 38.56 -8.30
CA ILE A 398 -1.92 38.21 -6.92
C ILE A 398 -2.32 39.49 -6.16
N LEU A 399 -2.75 39.36 -4.90
CA LEU A 399 -2.81 40.63 -4.08
C LEU A 399 -1.46 40.90 -3.43
N ALA A 400 -1.09 42.18 -3.33
CA ALA A 400 0.00 42.57 -2.46
C ALA A 400 -0.68 43.60 -1.49
N GLY A 401 -1.00 43.16 -0.29
CA GLY A 401 -1.92 43.93 0.57
C GLY A 401 -3.30 43.77 -0.07
N ARG A 402 -3.90 44.86 -0.56
CA ARG A 402 -5.16 44.77 -1.30
C ARG A 402 -4.93 45.11 -2.76
N ASP A 403 -3.71 45.52 -3.10
CA ASP A 403 -3.48 45.88 -4.46
C ASP A 403 -3.41 44.62 -5.32
N LEU A 404 -3.69 44.76 -6.62
CA LEU A 404 -3.74 43.60 -7.54
C LEU A 404 -2.54 43.79 -8.44
N VAL A 405 -1.59 42.86 -8.41
CA VAL A 405 -0.29 43.08 -9.09
C VAL A 405 0.04 41.90 -9.96
N ALA A 406 0.32 42.15 -11.23
CA ALA A 406 0.60 41.07 -12.18
C ALA A 406 2.04 40.73 -11.89
N GLN A 407 2.33 39.47 -11.65
CA GLN A 407 3.70 39.06 -11.47
C GLN A 407 4.31 38.88 -12.88
N HIS A 408 5.61 38.68 -12.92
CA HIS A 408 6.21 38.19 -14.17
C HIS A 408 7.27 37.14 -13.78
N LEU A 409 6.86 35.89 -13.82
CA LEU A 409 7.60 34.78 -13.24
C LEU A 409 8.76 34.47 -14.15
N ASN A 410 9.88 34.12 -13.53
CA ASN A 410 11.05 33.69 -14.34
C ASN A 410 10.85 32.25 -14.90
N VAL A 411 11.87 31.68 -15.57
CA VAL A 411 11.65 30.38 -16.20
C VAL A 411 11.35 29.34 -15.14
N GLU A 412 12.09 29.34 -14.04
CA GLU A 412 11.94 28.26 -13.10
C GLU A 412 10.53 28.33 -12.48
N LYS A 413 10.15 29.54 -12.03
CA LYS A 413 8.78 29.65 -11.46
C LYS A 413 7.67 29.39 -12.45
N SER A 414 7.84 29.79 -13.69
CA SER A 414 6.75 29.48 -14.66
C SER A 414 6.63 27.98 -14.87
N SER A 415 7.78 27.35 -14.99
CA SER A 415 7.80 25.87 -15.13
C SER A 415 7.15 25.25 -13.90
N SER A 416 7.45 25.71 -12.68
CA SER A 416 6.81 25.11 -11.48
C SER A 416 5.30 25.32 -11.43
N SER A 417 4.90 26.51 -11.91
CA SER A 417 3.46 26.79 -11.96
C SER A 417 2.74 25.91 -12.96
N ARG A 418 3.32 25.74 -14.14
CA ARG A 418 2.82 24.81 -15.15
C ARG A 418 2.73 23.43 -14.52
N ASP A 419 3.75 23.02 -13.78
CA ASP A 419 3.64 21.69 -13.13
C ASP A 419 2.50 21.63 -12.11
N ALA A 420 2.30 22.74 -11.38
CA ALA A 420 1.26 22.74 -10.31
C ALA A 420 -0.07 22.56 -10.99
N LEU A 421 -0.24 23.22 -12.13
CA LEU A 421 -1.55 23.09 -12.86
C LEU A 421 -1.76 21.63 -13.33
N VAL A 422 -0.70 21.04 -13.90
CA VAL A 422 -0.72 19.62 -14.33
C VAL A 422 -1.12 18.69 -13.14
N LYS A 423 -0.45 18.85 -11.98
CA LYS A 423 -0.74 17.97 -10.87
C LYS A 423 -2.17 18.16 -10.40
N ALA A 424 -2.65 19.41 -10.39
CA ALA A 424 -4.04 19.66 -9.96
C ALA A 424 -5.02 19.01 -10.93
N LEU A 425 -4.78 19.18 -12.23
CA LEU A 425 -5.70 18.59 -13.17
C LEU A 425 -5.75 17.10 -12.95
N TYR A 426 -4.58 16.48 -12.79
CA TYR A 426 -4.55 15.01 -12.69
C TYR A 426 -5.16 14.56 -11.38
N GLY A 427 -4.78 15.20 -10.28
CA GLY A 427 -5.41 14.77 -9.00
C GLY A 427 -6.93 15.02 -8.96
N ARG A 428 -7.39 16.14 -9.52
CA ARG A 428 -8.81 16.37 -9.54
C ARG A 428 -9.54 15.36 -10.45
N LEU A 429 -8.94 15.06 -11.62
CA LEU A 429 -9.49 14.02 -12.51
C LEU A 429 -9.61 12.72 -11.72
N PHE A 430 -8.56 12.34 -10.98
CA PHE A 430 -8.64 11.10 -10.21
C PHE A 430 -9.78 11.12 -9.20
N LEU A 431 -9.94 12.21 -8.48
CA LEU A 431 -11.04 12.29 -7.54
C LEU A 431 -12.38 12.15 -8.29
N TRP A 432 -12.47 12.86 -9.41
CA TRP A 432 -13.72 12.80 -10.20
C TRP A 432 -14.04 11.33 -10.63
N LEU A 433 -13.01 10.63 -11.11
CA LEU A 433 -13.18 9.18 -11.45
C LEU A 433 -13.70 8.37 -10.30
N VAL A 434 -13.10 8.51 -9.11
CA VAL A 434 -13.57 7.75 -7.95
C VAL A 434 -15.03 8.11 -7.56
N LYS A 435 -15.34 9.41 -7.60
CA LYS A 435 -16.70 9.91 -7.29
C LYS A 435 -17.73 9.28 -8.28
N LYS A 436 -17.39 9.27 -9.57
CA LYS A 436 -18.27 8.76 -10.64
C LYS A 436 -18.45 7.29 -10.40
N ILE A 437 -17.35 6.58 -10.06
CA ILE A 437 -17.50 5.18 -9.71
C ILE A 437 -18.37 4.94 -8.48
N ASN A 438 -18.19 5.73 -7.44
CA ASN A 438 -18.93 5.43 -6.23
C ASN A 438 -20.46 5.65 -6.44
N ASN A 439 -20.77 6.63 -7.27
CA ASN A 439 -22.18 6.95 -7.58
C ASN A 439 -22.84 5.78 -8.25
N VAL A 440 -22.11 5.06 -9.09
CA VAL A 440 -22.63 3.83 -9.71
C VAL A 440 -22.70 2.68 -8.70
N LEU A 441 -21.65 2.50 -7.88
CA LEU A 441 -21.52 1.26 -7.08
C LEU A 441 -22.30 1.28 -5.86
N CYS A 442 -22.64 2.48 -5.42
CA CYS A 442 -23.20 2.63 -4.11
C CYS A 442 -24.55 3.34 -4.36
N GLN A 443 -25.61 2.54 -4.51
CA GLN A 443 -26.98 2.98 -4.86
C GLN A 443 -28.01 2.57 -3.82
N GLU A 444 -27.58 1.96 -2.73
CA GLU A 444 -28.46 1.53 -1.64
C GLU A 444 -27.78 1.88 -0.32
N ARG A 445 -28.56 2.18 0.71
CA ARG A 445 -28.04 2.37 2.04
C ARG A 445 -27.62 1.00 2.54
N LYS A 446 -26.55 0.89 3.32
CA LYS A 446 -25.97 -0.40 3.59
C LYS A 446 -26.50 -0.81 4.95
N ALA A 447 -26.60 -2.09 5.24
CA ALA A 447 -26.86 -2.55 6.59
C ALA A 447 -25.54 -2.82 7.27
N TYR A 448 -24.61 -3.44 6.54
CA TYR A 448 -23.34 -3.89 7.13
C TYR A 448 -22.24 -3.67 6.11
N PHE A 449 -20.99 -3.78 6.55
CA PHE A 449 -19.90 -3.73 5.53
C PHE A 449 -18.74 -4.61 5.93
N ILE A 450 -17.98 -5.03 4.92
CA ILE A 450 -16.64 -5.57 5.16
C ILE A 450 -15.71 -4.60 4.41
N GLY A 451 -14.76 -3.99 5.14
CA GLY A 451 -13.86 -2.98 4.56
C GLY A 451 -12.57 -3.67 4.26
N VAL A 452 -12.00 -3.40 3.10
CA VAL A 452 -10.70 -4.06 2.79
C VAL A 452 -9.69 -2.91 2.56
N LEU A 453 -8.60 -2.92 3.33
CA LEU A 453 -7.65 -1.81 3.25
C LEU A 453 -6.42 -2.21 2.41
N ASP A 454 -6.13 -1.37 1.42
CA ASP A 454 -5.03 -1.57 0.51
C ASP A 454 -4.26 -0.27 0.47
N ILE A 455 -3.36 -0.09 1.38
CA ILE A 455 -2.53 1.19 1.36
C ILE A 455 -1.35 1.05 0.39
N SER A 456 -0.74 2.16 0.04
CA SER A 456 0.58 2.10 -0.57
C SER A 456 1.60 1.54 0.47
N GLY A 457 2.41 0.57 0.03
CA GLY A 457 3.29 -0.16 0.94
C GLY A 457 4.58 0.58 1.30
N PHE A 458 5.17 0.12 2.38
CA PHE A 458 6.40 0.73 2.87
C PHE A 458 7.45 0.75 1.71
N GLU A 459 8.21 1.85 1.58
CA GLU A 459 9.14 1.88 0.49
C GLU A 459 10.35 2.72 0.84
N ILE A 460 11.49 2.33 0.27
CA ILE A 460 12.70 3.12 0.42
C ILE A 460 13.32 3.23 -0.96
N PHE A 461 13.61 4.46 -1.35
CA PHE A 461 14.34 4.71 -2.62
C PHE A 461 15.66 5.38 -2.38
N LYS A 462 16.47 5.55 -3.44
CA LYS A 462 17.63 6.37 -3.28
C LYS A 462 17.33 7.76 -2.78
N VAL A 463 16.22 8.34 -3.27
CA VAL A 463 15.81 9.63 -2.73
C VAL A 463 14.40 9.48 -2.18
N ASN A 464 14.25 9.85 -0.93
CA ASN A 464 12.90 9.74 -0.28
C ASN A 464 12.48 11.15 0.05
N SER A 465 11.22 11.49 -0.27
CA SER A 465 10.74 12.85 -0.05
C SER A 465 9.48 12.80 0.82
N PHE A 466 8.76 13.91 0.85
CA PHE A 466 7.56 14.05 1.71
C PHE A 466 6.58 12.90 1.48
N GLU A 467 6.31 12.56 0.21
CA GLU A 467 5.37 11.46 -0.12
C GLU A 467 5.82 10.14 0.60
N GLN A 468 7.11 9.89 0.58
CA GLN A 468 7.58 8.65 1.22
C GLN A 468 7.39 8.70 2.72
N LEU A 469 7.60 9.85 3.33
CA LEU A 469 7.41 9.90 4.79
C LEU A 469 5.90 9.60 5.11
N CYS A 470 4.99 10.17 4.34
CA CYS A 470 3.56 9.95 4.66
C CYS A 470 3.18 8.45 4.39
N ILE A 471 3.67 7.89 3.28
CA ILE A 471 3.41 6.45 2.93
C ILE A 471 3.97 5.61 4.10
N ASN A 472 5.22 5.90 4.51
CA ASN A 472 5.82 4.99 5.49
C ASN A 472 5.16 5.15 6.86
N TYR A 473 4.74 6.38 7.19
CA TYR A 473 4.00 6.63 8.46
C TYR A 473 2.68 5.80 8.41
N THR A 474 2.01 5.78 7.27
CA THR A 474 0.73 5.01 7.17
C THR A 474 1.00 3.54 7.46
N ASN A 475 2.13 3.06 6.93
CA ASN A 475 2.52 1.66 7.19
C ASN A 475 2.88 1.45 8.68
N GLU A 476 3.57 2.40 9.27
CA GLU A 476 3.92 2.33 10.74
C GLU A 476 2.57 2.27 11.55
N LYS A 477 1.60 3.05 11.10
CA LYS A 477 0.36 3.16 11.90
C LYS A 477 -0.42 1.85 11.79
N LEU A 478 -0.44 1.29 10.59
CA LEU A 478 -1.00 -0.03 10.38
C LEU A 478 -0.29 -1.14 11.20
N GLN A 479 1.02 -1.14 11.28
CA GLN A 479 1.72 -2.14 12.08
C GLN A 479 1.27 -1.91 13.54
N GLN A 480 1.15 -0.62 13.94
CA GLN A 480 0.81 -0.37 15.36
C GLN A 480 -0.61 -0.89 15.66
N PHE A 481 -1.48 -0.77 14.66
CA PHE A 481 -2.87 -1.26 14.82
C PHE A 481 -2.84 -2.81 14.99
N PHE A 482 -2.00 -3.49 14.22
CA PHE A 482 -1.76 -4.91 14.49
C PHE A 482 -1.23 -5.17 15.89
N ASN A 483 -0.23 -4.42 16.33
CA ASN A 483 0.34 -4.60 17.68
C ASN A 483 -0.74 -4.39 18.76
N HIS A 484 -1.55 -3.38 18.54
CA HIS A 484 -2.58 -2.97 19.50
C HIS A 484 -3.59 -4.11 19.63
N HIS A 485 -4.03 -4.63 18.50
CA HIS A 485 -4.99 -5.72 18.47
CA HIS A 485 -4.99 -5.73 18.53
C HIS A 485 -4.47 -7.05 19.02
N MET A 486 -3.25 -7.42 18.64
CA MET A 486 -2.67 -8.69 19.01
C MET A 486 -2.17 -8.80 20.40
N PHE A 487 -1.59 -7.72 20.90
CA PHE A 487 -0.87 -7.76 22.14
C PHE A 487 -1.47 -6.85 23.20
N LYS A 488 -1.66 -5.58 22.88
CA LYS A 488 -1.97 -4.62 23.95
C LYS A 488 -3.42 -4.76 24.43
N LEU A 489 -4.38 -4.79 23.51
CA LEU A 489 -5.80 -4.94 23.90
C LEU A 489 -6.06 -6.31 24.55
N GLU A 490 -5.40 -7.31 24.00
CA GLU A 490 -5.49 -8.67 24.46
C GLU A 490 -5.03 -8.74 25.94
N GLN A 491 -3.87 -8.19 26.24
CA GLN A 491 -3.46 -8.27 27.65
C GLN A 491 -4.28 -7.34 28.57
N GLU A 492 -4.79 -6.22 28.02
CA GLU A 492 -5.71 -5.31 28.76
C GLU A 492 -6.96 -6.05 29.20
N GLU A 493 -7.45 -6.95 28.36
CA GLU A 493 -8.59 -7.76 28.72
C GLU A 493 -8.21 -8.68 29.90
N TYR A 494 -7.13 -9.43 29.73
CA TYR A 494 -6.69 -10.34 30.79
C TYR A 494 -6.62 -9.64 32.15
N LEU A 495 -6.13 -8.41 32.18
CA LEU A 495 -6.13 -7.61 33.42
C LEU A 495 -7.54 -7.17 33.88
N LYS A 496 -8.34 -6.63 32.95
CA LYS A 496 -9.67 -6.12 33.31
C LYS A 496 -10.46 -7.27 33.92
N GLU A 497 -10.07 -8.49 33.57
CA GLU A 497 -10.76 -9.68 34.05
C GLU A 497 -10.02 -10.32 35.24
N LYS A 498 -8.88 -9.76 35.61
CA LYS A 498 -8.05 -10.39 36.65
C LYS A 498 -7.94 -11.92 36.56
N ILE A 499 -7.35 -12.49 35.50
CA ILE A 499 -7.21 -13.97 35.39
C ILE A 499 -5.83 -14.67 35.67
N ASN A 500 -5.04 -14.16 36.59
CA ASN A 500 -3.74 -14.80 36.79
C ASN A 500 -3.05 -14.81 35.43
N TRP A 501 -2.37 -13.72 35.15
CA TRP A 501 -1.65 -13.47 33.88
C TRP A 501 -0.58 -12.47 34.22
N THR A 502 0.67 -12.87 34.01
CA THR A 502 1.76 -11.94 34.17
C THR A 502 1.95 -11.24 32.79
N PHE A 503 1.97 -9.92 32.79
CA PHE A 503 2.05 -9.17 31.54
C PHE A 503 3.34 -9.54 30.84
N ILE A 504 3.31 -9.63 29.51
CA ILE A 504 4.50 -9.94 28.74
C ILE A 504 4.78 -8.77 27.85
N ASP A 505 6.03 -8.31 27.85
CA ASP A 505 6.44 -7.21 26.98
C ASP A 505 6.83 -7.85 25.67
N PHE A 506 6.00 -7.72 24.63
CA PHE A 506 6.37 -8.33 23.33
C PHE A 506 7.38 -7.52 22.52
N GLY A 507 7.77 -6.37 23.08
CA GLY A 507 8.82 -5.52 22.54
C GLY A 507 8.54 -5.00 21.14
N LEU A 508 7.27 -4.83 20.80
CA LEU A 508 6.93 -4.26 19.50
C LEU A 508 6.07 -3.08 19.83
N ASP A 509 6.66 -1.91 19.59
CA ASP A 509 5.91 -0.75 19.92
C ASP A 509 6.47 0.34 19.07
N SER A 510 5.63 0.76 18.11
CA SER A 510 5.91 1.82 17.16
C SER A 510 5.59 3.20 17.68
N GLN A 511 5.22 3.33 18.94
CA GLN A 511 4.77 4.63 19.48
C GLN A 511 5.79 5.78 19.39
N ALA A 512 7.02 5.49 19.73
CA ALA A 512 8.07 6.48 19.70
C ALA A 512 8.18 7.04 18.26
N THR A 513 8.17 6.15 17.27
CA THR A 513 8.29 6.62 15.86
C THR A 513 7.05 7.42 15.47
N ILE A 514 5.89 6.91 15.86
CA ILE A 514 4.67 7.68 15.60
C ILE A 514 4.68 9.07 16.27
N ASP A 515 5.11 9.17 17.54
CA ASP A 515 5.13 10.48 18.22
C ASP A 515 6.13 11.40 17.53
N LEU A 516 7.26 10.80 17.06
CA LEU A 516 8.26 11.65 16.37
C LEU A 516 7.65 12.29 15.15
N ILE A 517 6.88 11.49 14.41
CA ILE A 517 6.34 12.03 13.15
C ILE A 517 5.13 12.91 13.36
N ASP A 518 4.26 12.53 14.32
CA ASP A 518 2.94 13.19 14.34
C ASP A 518 2.59 13.67 15.77
N GLY A 519 3.58 13.72 16.65
CA GLY A 519 3.34 14.18 18.04
C GLY A 519 2.72 15.57 18.09
N ARG A 520 1.97 15.91 19.14
CA ARG A 520 1.44 17.31 19.06
C ARG A 520 2.11 18.62 19.57
N GLN A 521 2.84 18.63 20.67
CA GLN A 521 2.56 17.88 21.86
C GLN A 521 3.54 17.64 23.04
N PRO A 522 4.90 17.63 22.88
CA PRO A 522 5.92 18.25 21.98
C PRO A 522 5.64 17.97 20.49
N PRO A 523 5.88 18.97 19.66
CA PRO A 523 5.44 18.88 18.25
C PRO A 523 6.30 17.86 17.49
N GLY A 524 5.68 17.01 16.71
CA GLY A 524 6.49 16.08 15.89
C GLY A 524 6.84 16.76 14.55
N ILE A 525 7.39 15.96 13.63
CA ILE A 525 7.84 16.46 12.32
C ILE A 525 6.71 17.14 11.50
N LEU A 526 5.52 16.52 11.43
CA LEU A 526 4.46 17.11 10.60
C LEU A 526 3.98 18.45 11.15
N ALA A 527 3.88 18.55 12.48
CA ALA A 527 3.54 19.82 13.13
C ALA A 527 4.55 20.93 12.90
N LEU A 528 5.82 20.59 12.88
CA LEU A 528 6.83 21.61 12.63
C LEU A 528 6.86 22.00 11.17
N LEU A 529 6.63 21.01 10.28
CA LEU A 529 6.47 21.33 8.89
C LEU A 529 5.33 22.32 8.69
N ASP A 530 4.19 22.02 9.29
CA ASP A 530 3.06 22.98 9.16
C ASP A 530 3.44 24.40 9.69
N GLU A 531 4.08 24.45 10.83
CA GLU A 531 4.47 25.78 11.40
C GLU A 531 5.37 26.55 10.44
N GLN A 532 6.39 25.88 9.88
CA GLN A 532 7.26 26.45 8.83
C GLN A 532 6.51 26.85 7.56
N SER A 533 5.44 26.11 7.27
CA SER A 533 4.67 26.38 6.05
C SER A 533 3.87 27.65 6.12
N VAL A 534 3.58 28.14 7.30
CA VAL A 534 2.94 29.43 7.36
C VAL A 534 3.84 30.57 7.77
N PHE A 535 5.13 30.30 8.01
CA PHE A 535 6.08 31.30 8.45
C PHE A 535 6.62 31.99 7.19
N PRO A 536 6.33 33.30 7.02
CA PRO A 536 6.65 33.98 5.72
C PRO A 536 8.10 33.81 5.29
N ASN A 537 8.99 33.76 6.26
CA ASN A 537 10.36 33.76 5.94
C ASN A 537 11.02 32.33 5.82
N ALA A 538 10.22 31.28 5.86
CA ALA A 538 10.81 29.92 5.92
C ALA A 538 11.43 29.45 4.61
N THR A 539 12.44 28.56 4.67
CA THR A 539 12.97 27.98 3.47
C THR A 539 13.16 26.48 3.81
N ASP A 540 13.48 25.67 2.83
CA ASP A 540 13.72 24.24 3.13
C ASP A 540 14.91 24.13 4.13
N ASN A 541 15.85 25.08 4.06
CA ASN A 541 16.91 25.10 5.06
C ASN A 541 16.54 25.53 6.50
N THR A 542 15.66 26.52 6.66
CA THR A 542 15.19 26.79 7.98
C THR A 542 14.39 25.61 8.54
N LEU A 543 13.68 24.93 7.63
CA LEU A 543 12.88 23.76 8.06
C LEU A 543 13.82 22.66 8.61
N ILE A 544 14.85 22.27 7.87
CA ILE A 544 15.69 21.18 8.34
C ILE A 544 16.39 21.57 9.62
N THR A 545 16.79 22.84 9.69
CA THR A 545 17.37 23.35 10.91
C THR A 545 16.48 23.22 12.10
N LYS A 546 15.21 23.55 11.91
CA LYS A 546 14.20 23.36 12.97
C LYS A 546 14.00 21.90 13.39
N LEU A 547 13.87 21.01 12.41
CA LEU A 547 13.84 19.58 12.79
C LEU A 547 15.05 19.14 13.62
N HIS A 548 16.25 19.41 13.17
CA HIS A 548 17.43 19.02 13.92
C HIS A 548 17.40 19.63 15.32
N SER A 549 16.97 20.89 15.39
CA SER A 549 16.96 21.56 16.67
C SER A 549 16.05 20.85 17.64
N HIS A 550 14.88 20.45 17.18
CA HIS A 550 13.96 19.73 18.03
C HIS A 550 14.31 18.28 18.32
N PHE A 551 15.00 17.57 17.43
CA PHE A 551 15.10 16.09 17.58
C PHE A 551 16.50 15.53 17.62
N SER A 552 17.48 16.26 17.14
CA SER A 552 18.83 15.67 17.00
C SER A 552 19.43 15.46 18.39
N LYS A 553 19.91 14.25 18.67
CA LYS A 553 20.45 13.85 19.98
C LYS A 553 19.38 13.97 21.01
N LYS A 554 18.11 13.94 20.63
CA LYS A 554 17.04 14.10 21.62
C LYS A 554 15.99 13.01 21.47
N ASN A 555 15.55 12.77 20.24
CA ASN A 555 14.63 11.68 20.00
C ASN A 555 15.34 10.42 19.47
N ALA A 556 15.10 9.28 20.11
CA ALA A 556 15.88 8.08 19.82
C ALA A 556 15.56 7.50 18.43
N LYS A 557 14.46 7.93 17.79
CA LYS A 557 14.15 7.43 16.47
C LYS A 557 14.54 8.38 15.33
N TYR A 558 15.24 9.48 15.67
CA TYR A 558 15.57 10.51 14.67
C TYR A 558 17.08 10.56 14.54
N GLU A 559 17.60 10.83 13.35
CA GLU A 559 19.06 10.95 13.24
C GLU A 559 19.34 12.18 12.38
N GLU A 560 20.21 13.08 12.88
CA GLU A 560 20.78 14.12 12.03
C GLU A 560 22.06 13.52 11.39
N PRO A 561 22.08 13.31 10.08
CA PRO A 561 23.19 12.55 9.50
C PRO A 561 24.42 13.50 9.39
N ARG A 562 25.61 12.90 9.44
CA ARG A 562 26.79 13.74 9.32
C ARG A 562 27.20 13.98 7.86
N PHE A 563 26.61 13.26 6.94
CA PHE A 563 27.04 13.21 5.53
C PHE A 563 26.22 14.09 4.67
N SER A 564 25.24 14.76 5.26
CA SER A 564 24.32 15.65 4.49
C SER A 564 23.75 16.72 5.38
N LYS A 565 23.52 17.92 4.81
CA LYS A 565 22.90 19.00 5.52
C LYS A 565 21.40 19.15 5.15
N THR A 566 20.90 18.29 4.24
CA THR A 566 19.53 18.49 3.76
C THR A 566 18.70 17.23 4.02
N GLU A 567 19.16 16.36 4.93
CA GLU A 567 18.40 15.05 5.14
C GLU A 567 18.23 14.75 6.58
N PHE A 568 17.17 13.99 6.92
CA PHE A 568 17.09 13.52 8.30
C PHE A 568 16.61 12.09 8.26
N GLY A 569 16.92 11.31 9.31
CA GLY A 569 16.60 9.84 9.35
C GLY A 569 15.47 9.60 10.37
N VAL A 570 14.51 8.71 9.99
CA VAL A 570 13.49 8.21 10.92
C VAL A 570 13.69 6.69 10.97
N THR A 571 13.78 6.17 12.18
CA THR A 571 13.86 4.75 12.38
C THR A 571 12.42 4.20 12.45
N HIS A 572 11.96 3.70 11.30
CA HIS A 572 10.63 3.02 11.20
C HIS A 572 10.69 1.58 11.68
N TYR A 573 9.55 0.97 11.92
CA TYR A 573 9.54 -0.46 12.25
C TYR A 573 10.27 -1.32 11.21
N ALA A 574 10.14 -0.97 9.96
CA ALA A 574 10.77 -1.68 8.85
C ALA A 574 12.18 -1.22 8.44
N GLY A 575 12.74 -0.26 9.16
CA GLY A 575 14.16 0.13 8.94
C GLY A 575 14.28 1.64 8.93
N GLN A 576 15.53 2.12 8.95
CA GLN A 576 15.69 3.53 8.94
C GLN A 576 15.49 4.04 7.52
N VAL A 577 14.92 5.22 7.39
CA VAL A 577 14.81 5.89 6.05
C VAL A 577 15.43 7.27 6.22
N MET A 578 16.23 7.67 5.23
CA MET A 578 16.69 9.06 5.22
C MET A 578 15.83 9.82 4.21
N TYR A 579 15.37 10.98 4.67
CA TYR A 579 14.44 11.85 3.92
C TYR A 579 15.18 13.16 3.54
N GLU A 580 15.09 13.52 2.26
CA GLU A 580 15.67 14.79 1.70
C GLU A 580 14.56 15.81 1.83
N ILE A 581 14.89 16.99 2.39
CA ILE A 581 13.95 18.03 2.71
C ILE A 581 13.63 18.95 1.48
N GLN A 582 14.34 18.78 0.36
CA GLN A 582 14.17 19.72 -0.76
C GLN A 582 12.70 19.75 -1.19
N ASP A 583 12.16 20.97 -1.31
CA ASP A 583 10.79 21.24 -1.83
C ASP A 583 9.70 20.89 -0.82
N TRP A 584 10.03 20.53 0.44
CA TRP A 584 8.94 20.18 1.34
C TRP A 584 7.94 21.28 1.62
N LEU A 585 8.41 22.53 1.75
CA LEU A 585 7.43 23.58 2.07
C LEU A 585 6.52 23.77 0.89
N GLU A 586 7.05 23.77 -0.33
CA GLU A 586 6.14 23.92 -1.48
C GLU A 586 5.21 22.73 -1.64
N LYS A 587 5.71 21.53 -1.39
CA LYS A 587 4.82 20.33 -1.49
C LYS A 587 3.73 20.39 -0.45
N ASN A 588 4.05 20.86 0.74
CA ASN A 588 3.05 20.94 1.79
C ASN A 588 2.03 22.06 1.55
N LYS A 589 2.49 23.19 1.03
CA LYS A 589 1.56 24.27 0.73
C LYS A 589 0.71 23.95 -0.49
N ASP A 590 1.29 23.21 -1.44
CA ASP A 590 0.60 22.74 -2.63
C ASP A 590 -0.15 23.90 -3.40
N PRO A 591 0.59 24.98 -3.72
CA PRO A 591 -0.01 26.20 -4.26
C PRO A 591 -0.50 26.00 -5.67
N LEU A 592 -1.52 26.79 -6.08
CA LEU A 592 -1.92 26.82 -7.51
C LEU A 592 -2.41 28.27 -7.76
N GLN A 593 -1.83 28.96 -8.73
CA GLN A 593 -2.22 30.39 -9.00
C GLN A 593 -3.71 30.47 -9.32
N GLN A 594 -4.39 31.42 -8.67
CA GLN A 594 -5.81 31.58 -8.91
C GLN A 594 -6.09 31.91 -10.38
N ASP A 595 -5.20 32.59 -11.05
CA ASP A 595 -5.48 32.90 -12.50
C ASP A 595 -5.53 31.66 -13.37
N LEU A 596 -4.79 30.63 -12.94
CA LEU A 596 -4.96 29.31 -13.65
C LEU A 596 -6.28 28.69 -13.43
N GLU A 597 -6.74 28.78 -12.20
CA GLU A 597 -8.07 28.29 -11.96
C GLU A 597 -9.11 29.06 -12.74
N LEU A 598 -8.98 30.39 -12.77
CA LEU A 598 -9.98 31.20 -13.51
C LEU A 598 -9.94 30.82 -15.01
N CYS A 599 -8.78 30.55 -15.54
CA CYS A 599 -8.65 30.12 -16.94
C CYS A 599 -9.44 28.80 -17.20
N PHE A 600 -9.26 27.77 -16.34
CA PHE A 600 -9.89 26.51 -16.57
C PHE A 600 -11.35 26.45 -16.15
N LYS A 601 -11.75 27.38 -15.28
CA LYS A 601 -13.20 27.47 -15.03
C LYS A 601 -13.95 27.83 -16.28
N ASP A 602 -13.30 28.47 -17.22
CA ASP A 602 -13.98 28.90 -18.46
CA ASP A 602 -13.98 28.90 -18.46
C ASP A 602 -13.89 27.87 -19.58
N SER A 603 -13.45 26.66 -19.24
CA SER A 603 -13.26 25.63 -20.28
C SER A 603 -14.59 25.31 -20.94
N SER A 604 -14.59 25.09 -22.24
CA SER A 604 -15.78 24.57 -22.95
C SER A 604 -16.03 23.06 -22.74
N ASP A 605 -15.14 22.35 -22.01
CA ASP A 605 -15.26 20.90 -21.85
C ASP A 605 -16.03 20.59 -20.58
N ASN A 606 -16.97 19.65 -20.67
CA ASN A 606 -17.91 19.43 -19.57
C ASN A 606 -17.28 18.71 -18.37
N VAL A 607 -16.23 17.94 -18.60
CA VAL A 607 -15.53 17.35 -17.45
C VAL A 607 -14.54 18.38 -16.86
N VAL A 608 -13.73 19.06 -17.69
CA VAL A 608 -12.80 20.05 -17.16
C VAL A 608 -13.55 21.08 -16.30
N THR A 609 -14.69 21.57 -16.83
CA THR A 609 -15.46 22.52 -16.08
C THR A 609 -15.83 22.01 -14.68
N LYS A 610 -16.11 20.74 -14.55
CA LYS A 610 -16.49 20.20 -13.24
C LYS A 610 -15.26 20.14 -12.32
N LEU A 611 -14.09 19.86 -12.90
CA LEU A 611 -12.92 19.73 -12.04
C LEU A 611 -12.63 21.07 -11.43
N PHE A 612 -13.02 22.18 -12.09
CA PHE A 612 -12.66 23.49 -11.56
C PHE A 612 -13.81 24.23 -10.82
N ASN A 613 -15.05 23.80 -11.06
CA ASN A 613 -16.24 24.44 -10.48
C ASN A 613 -16.93 23.61 -9.40
N ASP A 614 -16.78 22.29 -9.41
CA ASP A 614 -17.41 21.50 -8.35
C ASP A 614 -16.64 21.57 -7.02
N PRO A 615 -17.27 22.09 -5.94
CA PRO A 615 -16.48 22.40 -4.74
C PRO A 615 -15.90 21.14 -4.07
N ASN A 616 -16.60 20.02 -4.17
CA ASN A 616 -16.11 18.78 -3.63
C ASN A 616 -14.85 18.35 -4.36
N ILE A 617 -14.68 18.80 -5.58
CA ILE A 617 -13.42 18.49 -6.26
C ILE A 617 -12.42 19.63 -6.22
N ALA A 618 -12.88 20.88 -6.37
CA ALA A 618 -11.97 21.98 -6.64
C ALA A 618 -11.75 22.88 -5.44
N SER A 619 -12.52 22.66 -4.38
CA SER A 619 -12.42 23.59 -3.29
C SER A 619 -11.42 23.09 -2.30
N ARG A 620 -10.77 24.02 -1.63
CA ARG A 620 -9.85 23.63 -0.61
C ARG A 620 -10.17 24.28 0.70
N ALA A 621 -10.16 23.50 1.78
CA ALA A 621 -10.50 24.03 3.09
C ALA A 621 -9.49 25.06 3.54
N LYS A 622 -9.95 25.97 4.40
CA LYS A 622 -9.04 26.87 5.13
C LYS A 622 -8.82 26.47 6.62
N LYS A 623 -7.66 26.86 7.15
CA LYS A 623 -7.40 26.83 8.59
C LYS A 623 -6.89 28.24 8.86
N GLY A 624 -7.66 29.04 9.59
CA GLY A 624 -7.28 30.44 9.77
C GLY A 624 -7.16 31.08 8.40
N ALA A 625 -6.08 31.80 8.14
CA ALA A 625 -5.96 32.55 6.89
C ALA A 625 -5.14 31.82 5.84
N ASN A 626 -5.01 30.52 5.99
CA ASN A 626 -4.18 29.72 5.09
C ASN A 626 -5.01 28.52 4.58
N PHE A 627 -4.78 28.11 3.34
CA PHE A 627 -5.36 26.85 2.84
C PHE A 627 -4.83 25.66 3.67
N ILE A 628 -5.64 24.61 3.86
CA ILE A 628 -5.19 23.44 4.63
C ILE A 628 -3.99 22.78 3.91
N THR A 629 -2.97 22.48 4.69
CA THR A 629 -1.72 21.91 4.09
C THR A 629 -1.94 20.46 3.74
N VAL A 630 -1.02 19.90 2.94
CA VAL A 630 -1.15 18.51 2.57
C VAL A 630 -0.93 17.66 3.80
N ALA A 631 -0.04 18.07 4.70
CA ALA A 631 0.16 17.25 5.89
C ALA A 631 -1.16 17.22 6.71
N ALA A 632 -1.84 18.36 6.77
CA ALA A 632 -3.14 18.37 7.50
C ALA A 632 -4.20 17.51 6.85
N GLN A 633 -4.23 17.53 5.52
CA GLN A 633 -5.17 16.69 4.75
C GLN A 633 -4.82 15.25 5.01
N TYR A 634 -3.52 14.93 4.93
CA TYR A 634 -3.08 13.57 5.26
C TYR A 634 -3.53 13.09 6.65
N LYS A 635 -3.30 13.95 7.64
CA LYS A 635 -3.71 13.55 8.99
C LYS A 635 -5.24 13.34 9.13
N GLU A 636 -6.04 14.20 8.51
CA GLU A 636 -7.51 14.01 8.51
C GLU A 636 -7.86 12.66 7.88
N GLN A 637 -7.22 12.27 6.78
CA GLN A 637 -7.53 11.01 6.15
C GLN A 637 -7.15 9.83 7.02
N LEU A 638 -5.97 9.90 7.61
CA LEU A 638 -5.50 8.80 8.40
C LEU A 638 -6.36 8.70 9.66
N ALA A 639 -6.71 9.83 10.26
CA ALA A 639 -7.54 9.81 11.46
C ALA A 639 -8.95 9.22 11.12
N SER A 640 -9.49 9.57 9.98
CA SER A 640 -10.77 9.01 9.59
C SER A 640 -10.71 7.50 9.40
N LEU A 641 -9.64 7.00 8.76
CA LEU A 641 -9.48 5.59 8.60
C LEU A 641 -9.41 4.94 9.96
N MET A 642 -8.57 5.45 10.84
CA MET A 642 -8.36 4.74 12.10
C MET A 642 -9.68 4.68 12.92
N ALA A 643 -10.45 5.77 12.88
CA ALA A 643 -11.79 5.85 13.52
C ALA A 643 -12.74 4.79 12.93
N THR A 644 -12.75 4.65 11.60
CA THR A 644 -13.52 3.59 10.95
C THR A 644 -13.09 2.19 11.39
N LEU A 645 -11.78 1.96 11.42
CA LEU A 645 -11.32 0.61 11.80
C LEU A 645 -11.70 0.26 13.25
N GLU A 646 -11.74 1.28 14.09
CA GLU A 646 -11.98 0.99 15.49
C GLU A 646 -13.45 0.54 15.65
N THR A 647 -14.30 0.79 14.68
CA THR A 647 -15.69 0.27 14.67
C THR A 647 -15.85 -1.13 14.08
N THR A 648 -14.74 -1.75 13.64
CA THR A 648 -14.85 -3.04 12.95
C THR A 648 -14.14 -4.08 13.70
N ASN A 649 -14.46 -5.34 13.40
CA ASN A 649 -13.68 -6.43 13.93
C ASN A 649 -12.64 -6.70 12.80
N PRO A 650 -11.33 -6.54 13.13
CA PRO A 650 -10.31 -6.67 12.06
C PRO A 650 -9.81 -8.11 11.85
N HIS A 651 -9.41 -8.38 10.61
CA HIS A 651 -8.71 -9.65 10.24
C HIS A 651 -7.45 -9.25 9.47
N PHE A 652 -6.32 -9.84 9.83
CA PHE A 652 -5.03 -9.38 9.25
C PHE A 652 -4.48 -10.39 8.25
N VAL A 653 -3.92 -9.88 7.14
CA VAL A 653 -3.29 -10.75 6.19
C VAL A 653 -1.89 -10.07 6.04
N ARG A 654 -0.81 -10.82 6.27
CA ARG A 654 0.52 -10.19 6.17
C ARG A 654 1.14 -10.65 4.85
N CYS A 655 1.23 -9.74 3.87
CA CYS A 655 1.89 -10.10 2.62
C CYS A 655 3.42 -9.90 2.79
N ILE A 656 4.17 -10.85 2.22
CA ILE A 656 5.59 -10.92 2.40
C ILE A 656 6.18 -11.03 1.02
N ILE A 657 7.13 -10.15 0.69
CA ILE A 657 7.75 -10.21 -0.59
C ILE A 657 8.97 -11.18 -0.47
N PRO A 658 9.19 -12.03 -1.51
CA PRO A 658 10.25 -13.11 -1.35
C PRO A 658 11.69 -12.58 -1.56
N ASN A 659 11.79 -11.51 -2.37
CA ASN A 659 13.09 -10.93 -2.69
C ASN A 659 12.85 -9.53 -3.20
N ASN A 660 13.92 -8.86 -3.64
CA ASN A 660 13.82 -7.50 -4.18
CA ASN A 660 13.67 -7.50 -4.16
C ASN A 660 13.88 -7.39 -5.69
N LYS A 661 13.55 -8.46 -6.43
CA LYS A 661 13.78 -8.54 -7.84
C LYS A 661 12.54 -8.89 -8.62
N GLN A 662 11.40 -9.03 -7.91
CA GLN A 662 10.12 -9.33 -8.56
C GLN A 662 10.22 -10.63 -9.37
N LEU A 663 10.93 -11.58 -8.79
CA LEU A 663 11.16 -12.90 -9.47
C LEU A 663 10.47 -14.03 -8.68
N PRO A 664 9.96 -15.04 -9.41
CA PRO A 664 9.39 -16.23 -8.79
C PRO A 664 10.51 -17.19 -8.35
N ALA A 665 10.19 -18.14 -7.49
CA ALA A 665 11.13 -19.22 -7.13
C ALA A 665 12.46 -18.74 -6.61
N LYS A 666 12.47 -17.64 -5.86
CA LYS A 666 13.70 -17.09 -5.38
C LYS A 666 13.50 -16.46 -4.02
N LEU A 667 13.40 -17.27 -3.00
CA LEU A 667 13.36 -16.70 -1.63
C LEU A 667 14.71 -16.15 -1.25
N GLU A 668 14.76 -14.95 -0.71
CA GLU A 668 16.01 -14.29 -0.24
C GLU A 668 15.91 -14.22 1.30
N ASP A 669 16.84 -14.90 1.99
CA ASP A 669 16.68 -15.15 3.41
C ASP A 669 16.59 -13.91 4.23
N LYS A 670 17.50 -12.95 3.95
CA LYS A 670 17.49 -11.75 4.73
C LYS A 670 16.26 -10.94 4.45
N VAL A 671 15.87 -10.91 3.19
CA VAL A 671 14.65 -10.12 2.87
C VAL A 671 13.44 -10.64 3.64
N VAL A 672 13.28 -11.96 3.65
CA VAL A 672 12.04 -12.56 4.26
C VAL A 672 12.08 -12.39 5.75
N LEU A 673 13.23 -12.71 6.35
CA LEU A 673 13.32 -12.68 7.79
C LEU A 673 13.18 -11.29 8.34
N ASP A 674 13.67 -10.28 7.61
CA ASP A 674 13.47 -8.90 8.10
C ASP A 674 11.97 -8.58 8.23
N GLN A 675 11.22 -9.09 7.27
CA GLN A 675 9.72 -8.83 7.32
C GLN A 675 9.09 -9.61 8.46
N LEU A 676 9.49 -10.87 8.58
CA LEU A 676 8.92 -11.71 9.70
C LEU A 676 9.18 -11.05 11.04
N ARG A 677 10.39 -10.48 11.23
CA ARG A 677 10.67 -9.79 12.46
C ARG A 677 9.85 -8.51 12.59
N CYS A 678 9.95 -7.61 11.62
CA CYS A 678 9.31 -6.28 11.89
C CYS A 678 7.79 -6.34 11.83
N ASN A 679 7.24 -7.39 11.19
CA ASN A 679 5.76 -7.57 11.15
C ASN A 679 5.26 -8.13 12.50
N GLY A 680 6.18 -8.66 13.31
CA GLY A 680 5.77 -9.26 14.59
C GLY A 680 5.13 -10.62 14.41
N VAL A 681 5.57 -11.39 13.42
CA VAL A 681 4.90 -12.70 13.09
C VAL A 681 5.14 -13.70 14.25
N LEU A 682 6.38 -13.84 14.69
CA LEU A 682 6.65 -14.82 15.78
C LEU A 682 5.98 -14.41 17.07
N GLU A 683 6.04 -13.11 17.39
CA GLU A 683 5.33 -12.63 18.61
C GLU A 683 3.83 -12.92 18.52
N GLY A 684 3.31 -12.76 17.31
CA GLY A 684 1.88 -13.02 17.06
C GLY A 684 1.56 -14.50 17.27
N ILE A 685 2.46 -15.36 16.83
CA ILE A 685 2.21 -16.81 17.10
C ILE A 685 2.28 -17.08 18.66
N ARG A 686 3.25 -16.50 19.31
CA ARG A 686 3.43 -16.73 20.79
C ARG A 686 2.23 -16.25 21.62
N ILE A 687 1.69 -15.08 21.33
CA ILE A 687 0.51 -14.69 22.10
C ILE A 687 -0.63 -15.69 21.89
N THR A 688 -0.79 -16.14 20.66
CA THR A 688 -1.82 -17.14 20.37
C THR A 688 -1.60 -18.35 21.28
N ARG A 689 -0.38 -18.87 21.31
CA ARG A 689 -0.04 -20.08 22.08
C ARG A 689 -0.13 -19.92 23.60
N LYS A 690 0.42 -18.81 24.14
CA LYS A 690 0.56 -18.68 25.60
C LYS A 690 -0.66 -18.08 26.28
N GLY A 691 -1.49 -17.44 25.48
CA GLY A 691 -2.62 -16.64 25.97
C GLY A 691 -3.95 -17.40 25.99
N PHE A 692 -5.04 -16.65 26.10
CA PHE A 692 -6.41 -17.18 26.27
C PHE A 692 -7.34 -16.54 25.30
N PRO A 693 -7.29 -17.05 24.07
CA PRO A 693 -7.98 -16.53 22.89
C PRO A 693 -9.49 -16.28 23.04
N ASN A 694 -10.21 -17.16 23.75
CA ASN A 694 -11.69 -17.01 23.84
C ASN A 694 -12.29 -16.82 25.23
N ARG A 695 -13.21 -15.87 25.34
CA ARG A 695 -13.88 -15.57 26.62
C ARG A 695 -15.41 -15.29 26.58
N ILE A 696 -16.13 -16.04 27.40
CA ILE A 696 -17.56 -15.81 27.72
C ILE A 696 -17.76 -16.13 29.21
N ILE A 697 -18.52 -15.31 29.91
CA ILE A 697 -19.66 -14.60 29.35
C ILE A 697 -19.58 -13.10 29.42
N GLN A 736 -5.56 -24.96 31.43
CA GLN A 736 -6.18 -24.65 30.15
C GLN A 736 -7.35 -23.66 30.30
N TYR A 737 -7.53 -23.08 31.48
CA TYR A 737 -8.60 -22.08 31.69
C TYR A 737 -8.30 -21.02 32.75
N ARG A 738 -9.09 -19.96 32.73
CA ARG A 738 -9.08 -18.99 33.81
C ARG A 738 -10.52 -18.57 34.12
N PHE A 739 -10.81 -18.45 35.40
CA PHE A 739 -12.10 -17.93 35.78
C PHE A 739 -11.87 -16.44 35.91
N GLY A 740 -12.42 -15.66 34.99
CA GLY A 740 -12.26 -14.23 35.09
C GLY A 740 -13.41 -13.62 35.89
N ILE A 741 -13.27 -12.36 36.24
CA ILE A 741 -14.25 -11.64 37.05
C ILE A 741 -15.67 -11.70 36.45
N THR A 742 -15.80 -11.72 35.12
CA THR A 742 -17.14 -11.69 34.47
C THR A 742 -17.27 -12.69 33.31
N LYS A 743 -16.19 -13.42 33.05
CA LYS A 743 -16.12 -14.38 31.94
C LYS A 743 -15.17 -15.52 32.33
N ILE A 744 -15.32 -16.68 31.70
CA ILE A 744 -14.26 -17.68 31.74
C ILE A 744 -13.50 -17.68 30.40
N PHE A 745 -12.17 -17.66 30.51
CA PHE A 745 -11.33 -17.58 29.34
C PHE A 745 -10.83 -18.96 28.97
N PHE A 746 -10.77 -19.21 27.66
CA PHE A 746 -10.31 -20.47 27.09
C PHE A 746 -8.97 -20.35 26.33
N ARG A 747 -8.10 -21.34 26.52
CA ARG A 747 -6.90 -21.54 25.70
C ARG A 747 -7.28 -22.21 24.36
N ALA A 748 -6.26 -22.52 23.54
CA ALA A 748 -6.38 -23.40 22.35
C ALA A 748 -7.76 -23.50 21.63
N GLY A 749 -8.37 -24.69 21.53
CA GLY A 749 -7.84 -25.95 22.04
C GLY A 749 -7.65 -26.96 20.93
#